data_7CNG
#
_entry.id   7CNG
#
_cell.length_a   126.812
_cell.length_b   126.812
_cell.length_c   144.489
_cell.angle_alpha   90.000
_cell.angle_beta   90.000
_cell.angle_gamma   90.000
#
_symmetry.space_group_name_H-M   'P 4 21 2'
#
loop_
_entity.id
_entity.type
_entity.pdbx_description
1 polymer 'Protein fem-1 homolog B,Peptide from Cyclin-dependent kinase 5 activator 1'
2 non-polymer 'SULFATE ION'
#
_entity_poly.entity_id   1
_entity_poly.type   'polypeptide(L)'
_entity_poly.pdbx_seq_one_letter_code
;GHMEGLAGYVYKAASEGKVLTLAALLLNRSESDIRYLLGYVSQQGGQRSTPLIIAARNGHAKVVRLLLEHYRVQTQQTGT
VRFDGYVIDGATALWCAAGAGHFEVVKLLVSHGANVNHTTVTNSTPLRAACFDGRLDIVKYLVENNANISIANKYDNTCL
MIAAYKGHTDVVRYLLEQRADPNAKAHCGATALHFAAEAGHIDIVKELIKWRAAIVVNGHGMTPLKVAAESCKADVVELL
LSHADCDRRSRIEALELLGASFANDRENYDIIKTYHYLYLAMLERFQDGDNILEKEVLPPIHAYGNRTECRNPQELESIR
QDRDALHMEGLIVRERILGGGGSGGGSKKRLLLGLDR
;
_entity_poly.pdbx_strand_id   A,B
#
loop_
_chem_comp.id
_chem_comp.type
_chem_comp.name
_chem_comp.formula
SO4 non-polymer 'SULFATE ION' 'O4 S -2'
#
# COMPACT_ATOMS: atom_id res chain seq x y z
N HIS A 2 -27.40 29.23 -39.94
CA HIS A 2 -26.58 28.55 -38.94
C HIS A 2 -25.34 27.90 -39.57
N MET A 3 -24.19 28.50 -39.28
CA MET A 3 -22.89 28.03 -39.74
C MET A 3 -22.12 27.28 -38.66
N GLU A 4 -22.29 27.69 -37.40
CA GLU A 4 -21.67 26.94 -36.32
C GLU A 4 -22.14 25.49 -36.32
N GLY A 5 -23.36 25.24 -36.79
CA GLY A 5 -23.79 23.87 -36.97
C GLY A 5 -22.91 23.12 -37.97
N LEU A 6 -22.57 23.78 -39.08
CA LEU A 6 -21.66 23.17 -40.06
C LEU A 6 -20.29 22.95 -39.46
N ALA A 7 -19.82 23.87 -38.62
CA ALA A 7 -18.56 23.64 -37.94
C ALA A 7 -18.62 22.43 -37.03
N GLY A 8 -19.80 22.09 -36.55
CA GLY A 8 -19.99 20.94 -35.68
C GLY A 8 -19.98 19.62 -36.43
N TYR A 9 -20.62 19.60 -37.60
CA TYR A 9 -20.52 18.43 -38.46
C TYR A 9 -19.06 18.15 -38.80
N VAL A 10 -18.32 19.19 -39.18
CA VAL A 10 -16.92 19.03 -39.54
C VAL A 10 -16.14 18.44 -38.38
N TYR A 11 -16.34 18.99 -37.17
CA TYR A 11 -15.60 18.50 -36.01
C TYR A 11 -15.92 17.05 -35.72
N LYS A 12 -17.21 16.68 -35.77
CA LYS A 12 -17.58 15.28 -35.55
C LYS A 12 -16.84 14.38 -36.53
N ALA A 13 -16.73 14.81 -37.80
CA ALA A 13 -16.02 14.02 -38.80
C ALA A 13 -14.55 13.86 -38.44
N ALA A 14 -13.89 14.95 -38.10
CA ALA A 14 -12.46 14.91 -37.77
C ALA A 14 -12.19 13.92 -36.64
N SER A 15 -12.92 14.04 -35.53
CA SER A 15 -12.67 13.22 -34.36
C SER A 15 -13.02 11.76 -34.60
N GLU A 16 -13.91 11.48 -35.54
CA GLU A 16 -14.30 10.11 -35.85
C GLU A 16 -13.43 9.49 -36.93
N GLY A 17 -12.61 10.28 -37.61
CA GLY A 17 -11.74 9.77 -38.63
C GLY A 17 -12.37 9.60 -39.99
N LYS A 18 -13.66 9.90 -40.13
CA LYS A 18 -14.38 9.67 -41.38
C LYS A 18 -13.87 10.71 -42.38
N VAL A 19 -12.70 10.41 -42.95
CA VAL A 19 -11.94 11.37 -43.74
C VAL A 19 -12.62 11.65 -45.07
N LEU A 20 -13.38 10.69 -45.60
CA LEU A 20 -14.14 10.99 -46.81
C LEU A 20 -15.28 11.94 -46.51
N THR A 21 -16.10 11.61 -45.49
CA THR A 21 -17.23 12.47 -45.16
C THR A 21 -16.78 13.86 -44.74
N LEU A 22 -15.59 13.97 -44.13
CA LEU A 22 -15.01 15.28 -43.86
C LEU A 22 -14.60 15.98 -45.15
N ALA A 23 -13.97 15.23 -46.06
CA ALA A 23 -13.48 15.83 -47.30
C ALA A 23 -14.61 16.47 -48.10
N ALA A 24 -15.78 15.83 -48.09
CA ALA A 24 -16.96 16.42 -48.73
C ALA A 24 -17.39 17.68 -48.01
N LEU A 25 -17.30 17.70 -46.68
CA LEU A 25 -17.79 18.85 -45.92
C LEU A 25 -17.01 20.11 -46.27
N LEU A 26 -15.68 20.01 -46.35
CA LEU A 26 -14.84 21.17 -46.58
C LEU A 26 -14.64 21.48 -48.05
N LEU A 27 -15.08 20.58 -48.94
CA LEU A 27 -14.91 20.83 -50.36
C LEU A 27 -15.86 21.91 -50.82
N ASN A 28 -15.46 22.61 -51.89
CA ASN A 28 -16.16 23.76 -52.47
C ASN A 28 -16.71 24.69 -51.38
N ARG A 29 -15.81 25.22 -50.58
CA ARG A 29 -16.12 26.24 -49.59
C ARG A 29 -15.39 27.53 -49.93
N SER A 30 -15.84 28.62 -49.31
CA SER A 30 -15.15 29.90 -49.40
C SER A 30 -13.95 29.91 -48.44
N GLU A 31 -12.89 30.62 -48.82
CA GLU A 31 -11.68 30.61 -48.01
C GLU A 31 -11.96 31.13 -46.60
N SER A 32 -12.79 32.17 -46.49
CA SER A 32 -13.23 32.64 -45.18
C SER A 32 -13.94 31.53 -44.41
N ASP A 33 -14.54 30.57 -45.11
CA ASP A 33 -15.29 29.49 -44.48
C ASP A 33 -14.41 28.31 -44.06
N ILE A 34 -13.52 27.83 -44.94
CA ILE A 34 -12.64 26.74 -44.53
C ILE A 34 -11.77 27.19 -43.38
N ARG A 35 -11.52 28.50 -43.28
CA ARG A 35 -10.78 29.03 -42.14
C ARG A 35 -11.64 29.05 -40.88
N TYR A 36 -12.89 29.50 -41.00
CA TYR A 36 -13.79 29.44 -39.86
C TYR A 36 -14.05 28.00 -39.42
N LEU A 37 -14.29 27.12 -40.39
CA LEU A 37 -14.70 25.76 -40.06
C LEU A 37 -13.58 24.99 -39.37
N LEU A 38 -12.37 25.09 -39.90
CA LEU A 38 -11.23 24.37 -39.36
C LEU A 38 -10.64 25.02 -38.12
N GLY A 39 -11.20 26.13 -37.66
CA GLY A 39 -10.71 26.83 -36.49
C GLY A 39 -11.65 26.76 -35.31
N TYR A 40 -12.96 26.63 -35.57
CA TYR A 40 -14.00 26.58 -34.53
C TYR A 40 -13.61 25.63 -33.40
N VAL A 41 -13.41 26.17 -32.21
CA VAL A 41 -12.98 25.38 -31.05
C VAL A 41 -14.25 24.95 -30.31
N SER A 42 -14.70 23.72 -30.55
CA SER A 42 -15.93 23.22 -29.94
C SER A 42 -15.62 22.28 -28.79
N GLN A 43 -16.57 22.17 -27.85
CA GLN A 43 -16.38 21.46 -26.58
C GLN A 43 -17.06 20.09 -26.60
N GLN A 44 -16.26 19.03 -26.47
CA GLN A 44 -16.78 17.68 -26.25
C GLN A 44 -16.73 17.36 -24.75
N GLY A 45 -17.56 18.08 -24.01
CA GLY A 45 -17.62 17.99 -22.55
C GLY A 45 -17.02 19.20 -21.85
N GLY A 46 -15.81 19.02 -21.33
CA GLY A 46 -14.94 20.14 -20.99
C GLY A 46 -13.76 20.28 -21.92
N GLN A 47 -13.73 19.54 -23.02
CA GLN A 47 -12.57 19.42 -23.91
C GLN A 47 -12.72 20.41 -25.06
N ARG A 48 -11.92 21.48 -25.03
CA ARG A 48 -11.93 22.50 -26.08
C ARG A 48 -10.86 22.21 -27.14
N SER A 49 -11.28 21.93 -28.37
CA SER A 49 -10.35 21.48 -29.40
C SER A 49 -10.85 21.83 -30.79
N THR A 50 -9.91 21.99 -31.72
CA THR A 50 -10.12 22.17 -33.15
C THR A 50 -10.19 20.82 -33.87
N PRO A 51 -10.80 20.76 -35.06
CA PRO A 51 -10.81 19.50 -35.82
C PRO A 51 -9.45 18.89 -36.05
N LEU A 52 -8.40 19.70 -36.29
CA LEU A 52 -7.07 19.11 -36.39
C LEU A 52 -6.66 18.45 -35.08
N ILE A 53 -6.93 19.12 -33.94
CA ILE A 53 -6.41 18.64 -32.67
C ILE A 53 -7.03 17.29 -32.32
N ILE A 54 -8.36 17.20 -32.28
CA ILE A 54 -8.94 15.95 -31.82
C ILE A 54 -8.71 14.84 -32.84
N ALA A 55 -8.60 15.19 -34.12
CA ALA A 55 -8.22 14.19 -35.11
C ALA A 55 -6.86 13.60 -34.82
N ALA A 56 -5.88 14.44 -34.50
CA ALA A 56 -4.57 13.94 -34.11
C ALA A 56 -4.64 13.20 -32.78
N ARG A 57 -5.51 13.64 -31.87
CA ARG A 57 -5.57 13.01 -30.56
C ARG A 57 -6.15 11.61 -30.65
N ASN A 58 -7.13 11.40 -31.53
CA ASN A 58 -7.75 10.10 -31.72
C ASN A 58 -7.00 9.21 -32.72
N GLY A 59 -5.96 9.73 -33.36
CA GLY A 59 -5.10 8.90 -34.18
C GLY A 59 -5.54 8.71 -35.61
N HIS A 60 -6.40 9.58 -36.13
CA HIS A 60 -6.87 9.45 -37.50
C HIS A 60 -5.88 10.15 -38.41
N ALA A 61 -4.87 9.40 -38.86
CA ALA A 61 -3.81 9.99 -39.68
C ALA A 61 -4.32 10.50 -41.02
N LYS A 62 -5.35 9.84 -41.59
CA LYS A 62 -5.87 10.31 -42.86
C LYS A 62 -6.55 11.68 -42.73
N VAL A 63 -7.30 11.88 -41.66
CA VAL A 63 -7.93 13.18 -41.42
C VAL A 63 -6.89 14.25 -41.20
N VAL A 64 -5.79 13.89 -40.52
CA VAL A 64 -4.72 14.85 -40.29
C VAL A 64 -4.03 15.20 -41.61
N ARG A 65 -3.62 14.17 -42.37
CA ARG A 65 -2.95 14.43 -43.64
C ARG A 65 -3.79 15.35 -44.51
N LEU A 66 -5.11 15.15 -44.50
CA LEU A 66 -6.00 15.98 -45.29
C LEU A 66 -5.98 17.44 -44.82
N LEU A 67 -6.16 17.65 -43.52
CA LEU A 67 -6.20 19.02 -43.02
C LEU A 67 -4.89 19.73 -43.26
N LEU A 68 -3.76 19.00 -43.28
CA LEU A 68 -2.46 19.61 -43.45
C LEU A 68 -2.12 19.80 -44.93
N GLU A 69 -2.05 18.68 -45.68
CA GLU A 69 -1.57 18.73 -47.06
C GLU A 69 -2.42 19.63 -47.94
N HIS A 70 -3.74 19.64 -47.73
CA HIS A 70 -4.63 20.30 -48.67
C HIS A 70 -5.21 21.62 -48.16
N TYR A 71 -5.65 21.69 -46.92
CA TYR A 71 -6.30 22.90 -46.45
C TYR A 71 -5.39 23.79 -45.61
N ARG A 72 -4.08 23.58 -45.68
CA ARG A 72 -3.08 24.53 -45.18
C ARG A 72 -3.30 24.89 -43.70
N VAL A 73 -3.92 23.99 -42.92
CA VAL A 73 -4.24 24.35 -41.54
C VAL A 73 -2.94 24.50 -40.76
N GLN A 74 -2.97 25.37 -39.75
CA GLN A 74 -1.77 25.68 -38.98
C GLN A 74 -1.59 24.70 -37.83
N THR A 75 -0.34 24.29 -37.62
CA THR A 75 0.02 23.28 -36.62
C THR A 75 0.34 23.89 -35.26
N GLN A 76 -0.10 25.13 -35.02
CA GLN A 76 0.11 25.81 -33.75
C GLN A 76 -1.14 25.88 -32.91
N GLN A 77 -2.29 25.46 -33.46
CA GLN A 77 -3.54 25.50 -32.71
C GLN A 77 -3.40 24.77 -31.40
N THR A 78 -3.82 25.42 -30.33
CA THR A 78 -3.79 24.84 -28.99
C THR A 78 -5.21 24.70 -28.47
N GLY A 79 -5.41 23.69 -27.65
CA GLY A 79 -6.70 23.50 -27.01
C GLY A 79 -6.51 22.81 -25.69
N THR A 80 -7.60 22.39 -25.05
CA THR A 80 -7.53 21.60 -23.82
C THR A 80 -8.08 20.21 -24.14
N VAL A 81 -7.29 19.18 -23.88
CA VAL A 81 -7.64 17.82 -24.26
C VAL A 81 -7.74 16.93 -23.03
N ARG A 82 -8.53 15.87 -23.16
CA ARG A 82 -8.84 14.96 -22.08
C ARG A 82 -7.91 13.75 -22.15
N PHE A 83 -7.05 13.60 -21.16
CA PHE A 83 -6.14 12.47 -21.04
C PHE A 83 -6.28 11.85 -19.66
N ASP A 84 -6.45 10.52 -19.61
CA ASP A 84 -6.44 9.76 -18.35
C ASP A 84 -7.47 10.28 -17.36
N GLY A 85 -8.53 10.93 -17.83
CA GLY A 85 -9.56 11.37 -16.93
C GLY A 85 -9.63 12.86 -16.68
N TYR A 86 -8.48 13.52 -16.50
CA TYR A 86 -8.50 14.97 -16.31
C TYR A 86 -8.18 15.68 -17.64
N VAL A 87 -8.16 17.01 -17.59
CA VAL A 87 -7.98 17.85 -18.77
C VAL A 87 -6.62 18.53 -18.68
N ILE A 88 -5.97 18.65 -19.85
CA ILE A 88 -4.64 19.23 -19.99
C ILE A 88 -4.75 20.41 -20.92
N ASP A 89 -4.25 21.56 -20.48
CA ASP A 89 -4.58 22.86 -21.07
C ASP A 89 -3.46 23.33 -22.01
N GLY A 90 -3.86 24.02 -23.07
CA GLY A 90 -2.91 24.54 -24.03
C GLY A 90 -2.04 23.48 -24.68
N ALA A 91 -2.67 22.44 -25.20
CA ALA A 91 -1.99 21.34 -25.87
C ALA A 91 -2.12 21.51 -27.38
N THR A 92 -1.01 21.39 -28.11
CA THR A 92 -1.09 21.41 -29.55
C THR A 92 -1.55 20.06 -30.07
N ALA A 93 -1.80 20.00 -31.38
CA ALA A 93 -2.11 18.72 -32.00
C ALA A 93 -0.94 17.76 -31.85
N LEU A 94 0.29 18.23 -32.10
CA LEU A 94 1.48 17.38 -32.00
C LEU A 94 1.63 16.81 -30.60
N TRP A 95 1.25 17.57 -29.57
CA TRP A 95 1.38 17.08 -28.21
C TRP A 95 0.43 15.91 -27.97
N CYS A 96 -0.84 16.04 -28.38
CA CYS A 96 -1.80 14.98 -28.14
C CYS A 96 -1.40 13.72 -28.88
N ALA A 97 -0.85 13.87 -30.09
CA ALA A 97 -0.40 12.71 -30.85
C ALA A 97 0.75 12.00 -30.14
N ALA A 98 1.75 12.76 -29.68
CA ALA A 98 2.89 12.15 -29.02
C ALA A 98 2.50 11.49 -27.71
N GLY A 99 1.56 12.10 -26.99
CA GLY A 99 1.13 11.52 -25.72
C GLY A 99 0.28 10.29 -25.89
N ALA A 100 -0.46 10.18 -26.99
CA ALA A 100 -1.34 9.04 -27.22
C ALA A 100 -0.68 7.91 -27.99
N GLY A 101 0.56 8.11 -28.46
CA GLY A 101 1.28 7.07 -29.17
C GLY A 101 0.92 6.90 -30.64
N HIS A 102 0.36 7.92 -31.28
CA HIS A 102 0.04 7.88 -32.71
C HIS A 102 1.26 8.34 -33.48
N PHE A 103 2.09 7.38 -33.90
CA PHE A 103 3.37 7.69 -34.51
C PHE A 103 3.19 8.35 -35.87
N GLU A 104 2.37 7.77 -36.74
CA GLU A 104 2.20 8.31 -38.08
C GLU A 104 1.71 9.75 -38.02
N VAL A 105 0.79 10.04 -37.09
CA VAL A 105 0.29 11.40 -36.93
C VAL A 105 1.41 12.33 -36.45
N VAL A 106 2.32 11.84 -35.62
CA VAL A 106 3.43 12.67 -35.17
C VAL A 106 4.37 12.97 -36.33
N LYS A 107 4.74 11.94 -37.10
CA LYS A 107 5.58 12.16 -38.26
C LYS A 107 4.90 13.07 -39.28
N LEU A 108 3.57 12.99 -39.39
CA LEU A 108 2.83 13.94 -40.20
C LEU A 108 3.02 15.36 -39.69
N LEU A 109 2.79 15.57 -38.40
CA LEU A 109 2.83 16.92 -37.85
C LEU A 109 4.24 17.49 -37.88
N VAL A 110 5.23 16.72 -37.44
CA VAL A 110 6.61 17.19 -37.50
C VAL A 110 7.01 17.52 -38.93
N SER A 111 6.56 16.69 -39.89
CA SER A 111 6.86 16.93 -41.31
C SER A 111 6.41 18.30 -41.73
N HIS A 112 5.22 18.72 -41.30
CA HIS A 112 4.66 20.01 -41.67
C HIS A 112 5.07 21.13 -40.72
N GLY A 113 6.17 20.93 -39.99
CA GLY A 113 6.82 22.01 -39.28
C GLY A 113 6.26 22.38 -37.92
N ALA A 114 5.46 21.51 -37.31
CA ALA A 114 4.94 21.82 -35.98
C ALA A 114 6.09 21.95 -34.99
N ASN A 115 6.01 22.96 -34.12
CA ASN A 115 7.06 23.20 -33.15
C ASN A 115 7.24 21.99 -32.24
N VAL A 116 8.40 21.33 -32.36
CA VAL A 116 8.72 20.15 -31.57
C VAL A 116 8.90 20.46 -30.10
N ASN A 117 9.06 21.74 -29.74
CA ASN A 117 9.25 22.13 -28.34
C ASN A 117 8.16 23.07 -27.87
N HIS A 118 6.92 22.83 -28.31
CA HIS A 118 5.80 23.55 -27.72
C HIS A 118 5.61 23.12 -26.26
N THR A 119 5.03 24.02 -25.46
CA THR A 119 4.87 23.75 -24.05
C THR A 119 3.42 23.95 -23.64
N THR A 120 2.85 22.91 -23.04
CA THR A 120 1.59 22.95 -22.31
C THR A 120 1.62 24.08 -21.27
N VAL A 121 0.44 24.49 -20.79
CA VAL A 121 0.38 25.45 -19.68
C VAL A 121 1.22 25.00 -18.49
N THR A 122 1.42 23.68 -18.34
CA THR A 122 2.30 23.15 -17.29
C THR A 122 3.73 23.00 -17.76
N ASN A 123 4.04 23.45 -18.97
CA ASN A 123 5.36 23.31 -19.58
C ASN A 123 5.73 21.86 -19.85
N SER A 124 4.83 21.15 -20.53
CA SER A 124 5.04 19.75 -20.89
C SER A 124 5.32 19.66 -22.38
N THR A 125 6.59 19.40 -22.75
CA THR A 125 6.93 19.28 -24.17
C THR A 125 6.22 18.09 -24.78
N PRO A 126 6.17 17.95 -26.12
CA PRO A 126 5.63 16.71 -26.67
C PRO A 126 6.52 15.52 -26.33
N LEU A 127 7.84 15.70 -26.47
CA LEU A 127 8.78 14.68 -26.04
C LEU A 127 8.51 14.23 -24.61
N ARG A 128 8.07 15.15 -23.75
CA ARG A 128 7.75 14.73 -22.38
C ARG A 128 6.57 13.77 -22.38
N ALA A 129 5.49 14.13 -23.07
CA ALA A 129 4.28 13.29 -23.02
C ALA A 129 4.53 11.92 -23.59
N ALA A 130 5.47 11.80 -24.53
CA ALA A 130 5.77 10.51 -25.11
C ALA A 130 6.68 9.68 -24.22
N CYS A 131 7.35 10.28 -23.25
CA CYS A 131 8.09 9.47 -22.29
C CYS A 131 7.17 8.92 -21.22
N PHE A 132 6.15 9.69 -20.85
CA PHE A 132 5.09 9.20 -19.97
C PHE A 132 4.41 7.99 -20.59
N ASP A 133 4.28 7.97 -21.92
CA ASP A 133 3.70 6.83 -22.62
C ASP A 133 4.67 5.65 -22.62
N GLY A 134 5.96 5.91 -22.75
CA GLY A 134 6.93 4.85 -22.97
C GLY A 134 7.02 4.38 -24.40
N ARG A 135 6.75 5.28 -25.36
CA ARG A 135 6.90 5.02 -26.79
C ARG A 135 8.28 5.48 -27.23
N LEU A 136 9.23 4.54 -27.28
CA LEU A 136 10.60 4.93 -27.60
C LEU A 136 10.72 5.45 -29.03
N ASP A 137 10.00 4.82 -29.97
CA ASP A 137 10.14 5.22 -31.37
C ASP A 137 9.64 6.64 -31.60
N ILE A 138 8.66 7.09 -30.80
CA ILE A 138 8.26 8.49 -30.88
C ILE A 138 9.31 9.38 -30.20
N VAL A 139 9.82 8.94 -29.05
CA VAL A 139 10.87 9.69 -28.36
C VAL A 139 12.08 9.87 -29.27
N LYS A 140 12.57 8.78 -29.87
CA LYS A 140 13.68 8.87 -30.81
C LYS A 140 13.37 9.86 -31.92
N TYR A 141 12.19 9.75 -32.51
CA TYR A 141 11.86 10.60 -33.65
C TYR A 141 11.94 12.07 -33.28
N LEU A 142 11.35 12.45 -32.15
CA LEU A 142 11.36 13.84 -31.73
C LEU A 142 12.78 14.30 -31.37
N VAL A 143 13.51 13.47 -30.60
CA VAL A 143 14.89 13.80 -30.24
C VAL A 143 15.72 14.03 -31.49
N GLU A 144 15.46 13.23 -32.53
CA GLU A 144 16.15 13.41 -33.80
C GLU A 144 15.71 14.70 -34.51
N ASN A 145 14.47 15.14 -34.30
CA ASN A 145 13.95 16.34 -34.94
C ASN A 145 13.97 17.54 -34.00
N ASN A 146 15.00 17.61 -33.15
CA ASN A 146 15.34 18.76 -32.32
C ASN A 146 14.42 18.94 -31.13
N ALA A 147 13.70 17.92 -30.70
CA ALA A 147 13.05 18.01 -29.41
C ALA A 147 14.12 18.21 -28.36
N ASN A 148 14.00 19.28 -27.59
CA ASN A 148 14.98 19.60 -26.55
C ASN A 148 14.72 18.73 -25.34
N ILE A 149 15.73 17.92 -24.95
CA ILE A 149 15.53 17.01 -23.83
C ILE A 149 15.54 17.76 -22.50
N SER A 150 16.02 19.00 -22.49
CA SER A 150 16.18 19.74 -21.25
C SER A 150 14.89 20.34 -20.71
N ILE A 151 13.87 20.51 -21.55
CA ILE A 151 12.69 21.26 -21.12
C ILE A 151 11.94 20.44 -20.07
N ALA A 152 12.00 20.89 -18.82
CA ALA A 152 11.27 20.22 -17.76
C ALA A 152 9.89 20.86 -17.62
N ASN A 153 9.07 20.30 -16.74
CA ASN A 153 7.70 20.81 -16.62
C ASN A 153 7.65 21.92 -15.58
N LYS A 154 6.44 22.26 -15.14
CA LYS A 154 6.25 23.29 -14.12
C LYS A 154 7.16 23.05 -12.92
N TYR A 155 7.20 21.81 -12.42
CA TYR A 155 7.95 21.49 -11.21
C TYR A 155 9.36 21.00 -11.51
N ASP A 156 9.96 21.43 -12.61
CA ASP A 156 11.34 21.07 -12.97
C ASP A 156 11.54 19.56 -13.05
N ASN A 157 10.53 18.82 -13.52
CA ASN A 157 10.56 17.36 -13.52
C ASN A 157 10.83 16.88 -14.95
N THR A 158 12.03 16.36 -15.19
CA THR A 158 12.53 16.18 -16.55
C THR A 158 11.92 14.96 -17.22
N CYS A 159 12.09 14.90 -18.55
CA CYS A 159 11.68 13.71 -19.32
C CYS A 159 12.34 12.46 -18.77
N LEU A 160 13.64 12.53 -18.48
CA LEU A 160 14.34 11.39 -17.90
C LEU A 160 13.74 11.00 -16.56
N MET A 161 13.16 11.95 -15.82
CA MET A 161 12.58 11.59 -14.53
C MET A 161 11.29 10.82 -14.70
N ILE A 162 10.33 11.41 -15.43
CA ILE A 162 9.04 10.75 -15.61
C ILE A 162 9.21 9.42 -16.32
N ALA A 163 10.16 9.32 -17.23
CA ALA A 163 10.45 8.04 -17.86
C ALA A 163 10.98 7.02 -16.87
N ALA A 164 11.76 7.48 -15.88
CA ALA A 164 12.30 6.56 -14.89
C ALA A 164 11.26 6.26 -13.81
N TYR A 165 10.45 7.24 -13.44
CA TYR A 165 9.39 6.99 -12.47
C TYR A 165 8.36 6.00 -12.99
N LYS A 166 8.16 5.97 -14.30
CA LYS A 166 7.11 5.15 -14.90
C LYS A 166 7.58 3.75 -15.29
N GLY A 167 8.89 3.50 -15.29
CA GLY A 167 9.41 2.16 -15.53
C GLY A 167 9.91 1.87 -16.93
N HIS A 168 9.79 2.82 -17.86
CA HIS A 168 10.15 2.58 -19.26
C HIS A 168 11.67 2.60 -19.39
N THR A 169 12.27 1.46 -19.08
CA THR A 169 13.73 1.33 -19.08
C THR A 169 14.32 1.61 -20.46
N ASP A 170 13.60 1.26 -21.53
CA ASP A 170 14.15 1.42 -22.86
C ASP A 170 14.37 2.89 -23.18
N VAL A 171 13.45 3.75 -22.75
CA VAL A 171 13.59 5.16 -23.06
C VAL A 171 14.51 5.87 -22.08
N VAL A 172 14.67 5.35 -20.87
CA VAL A 172 15.67 5.91 -19.96
C VAL A 172 17.05 5.76 -20.58
N ARG A 173 17.35 4.56 -21.09
CA ARG A 173 18.60 4.36 -21.81
C ARG A 173 18.75 5.32 -22.98
N TYR A 174 17.69 5.48 -23.78
CA TYR A 174 17.78 6.37 -24.92
C TYR A 174 18.03 7.80 -24.48
N LEU A 175 17.36 8.24 -23.42
CA LEU A 175 17.57 9.61 -22.96
C LEU A 175 18.97 9.78 -22.39
N LEU A 176 19.43 8.80 -21.60
CA LEU A 176 20.80 8.87 -21.09
C LEU A 176 21.82 8.89 -22.21
N GLU A 177 21.64 8.01 -23.20
CA GLU A 177 22.52 7.96 -24.37
C GLU A 177 22.56 9.30 -25.09
N GLN A 178 21.42 9.99 -25.17
CA GLN A 178 21.38 11.30 -25.79
C GLN A 178 21.94 12.36 -24.87
N ARG A 179 22.76 11.93 -23.93
CA ARG A 179 23.40 12.80 -22.95
C ARG A 179 22.34 13.63 -22.24
N ALA A 180 21.44 12.93 -21.56
CA ALA A 180 20.51 13.61 -20.67
C ALA A 180 21.15 13.64 -19.30
N ASP A 181 21.05 14.80 -18.65
CA ASP A 181 21.62 15.01 -17.34
C ASP A 181 20.97 14.07 -16.34
N PRO A 182 21.71 13.12 -15.77
CA PRO A 182 21.12 12.25 -14.74
C PRO A 182 20.93 12.95 -13.42
N ASN A 183 21.61 14.08 -13.21
CA ASN A 183 21.64 14.76 -11.94
C ASN A 183 20.78 16.02 -11.94
N ALA A 184 19.74 16.06 -12.76
CA ALA A 184 18.79 17.15 -12.66
C ALA A 184 17.91 16.95 -11.44
N LYS A 185 17.33 18.05 -10.96
CA LYS A 185 16.50 18.04 -9.77
C LYS A 185 15.16 18.70 -10.07
N ALA A 186 14.16 18.36 -9.26
CA ALA A 186 12.82 18.94 -9.35
C ALA A 186 12.72 20.09 -8.36
N HIS A 187 11.50 20.60 -8.15
CA HIS A 187 11.31 21.60 -7.08
C HIS A 187 11.70 21.02 -5.74
N CYS A 188 11.33 19.76 -5.49
CA CYS A 188 11.60 19.12 -4.20
C CYS A 188 13.06 18.73 -4.02
N GLY A 189 13.85 18.73 -5.08
CA GLY A 189 15.24 18.32 -5.01
C GLY A 189 15.49 16.90 -5.47
N ALA A 190 14.44 16.17 -5.86
CA ALA A 190 14.58 14.78 -6.28
C ALA A 190 15.27 14.66 -7.63
N THR A 191 16.11 13.64 -7.78
CA THR A 191 16.70 13.33 -9.08
C THR A 191 15.96 12.15 -9.70
N ALA A 192 16.35 11.79 -10.92
CA ALA A 192 15.77 10.63 -11.58
C ALA A 192 15.98 9.36 -10.76
N LEU A 193 17.10 9.28 -10.04
CA LEU A 193 17.36 8.12 -9.20
C LEU A 193 16.37 8.01 -8.04
N HIS A 194 15.88 9.13 -7.52
CA HIS A 194 14.87 9.06 -6.46
C HIS A 194 13.62 8.37 -6.97
N PHE A 195 13.09 8.82 -8.10
CA PHE A 195 11.84 8.26 -8.61
C PHE A 195 12.01 6.81 -9.01
N ALA A 196 13.15 6.47 -9.61
CA ALA A 196 13.39 5.07 -9.95
C ALA A 196 13.50 4.20 -8.70
N ALA A 197 13.99 4.76 -7.59
CA ALA A 197 14.21 4.00 -6.37
C ALA A 197 12.92 3.75 -5.60
N GLU A 198 12.09 4.78 -5.40
CA GLU A 198 10.80 4.58 -4.75
C GLU A 198 10.00 3.49 -5.44
N ALA A 199 9.92 3.53 -6.77
CA ALA A 199 9.08 2.58 -7.50
C ALA A 199 9.73 1.22 -7.68
N GLY A 200 11.03 1.09 -7.40
CA GLY A 200 11.68 -0.21 -7.45
C GLY A 200 12.12 -0.68 -8.81
N HIS A 201 12.42 0.25 -9.72
CA HIS A 201 12.78 -0.10 -11.09
C HIS A 201 14.27 -0.39 -11.13
N ILE A 202 14.60 -1.67 -10.93
CA ILE A 202 15.98 -2.04 -10.67
C ILE A 202 16.84 -1.91 -11.92
N ASP A 203 16.28 -2.19 -13.10
CA ASP A 203 17.05 -2.03 -14.34
C ASP A 203 17.33 -0.57 -14.62
N ILE A 204 16.36 0.30 -14.31
CA ILE A 204 16.57 1.74 -14.47
C ILE A 204 17.63 2.23 -13.50
N VAL A 205 17.55 1.80 -12.24
CA VAL A 205 18.56 2.20 -11.26
C VAL A 205 19.94 1.79 -11.72
N LYS A 206 20.05 0.62 -12.35
CA LYS A 206 21.34 0.21 -12.92
C LYS A 206 21.76 1.16 -14.02
N GLU A 207 20.81 1.58 -14.86
CA GLU A 207 21.16 2.45 -15.97
C GLU A 207 21.63 3.81 -15.46
N LEU A 208 20.90 4.38 -14.50
CA LEU A 208 21.28 5.68 -13.95
C LEU A 208 22.67 5.63 -13.32
N ILE A 209 22.93 4.63 -12.49
CA ILE A 209 24.26 4.45 -11.90
C ILE A 209 25.31 4.32 -12.99
N LYS A 210 25.01 3.53 -14.02
CA LYS A 210 25.94 3.35 -15.12
C LYS A 210 26.34 4.69 -15.71
N TRP A 211 25.42 5.66 -15.73
CA TRP A 211 25.68 6.97 -16.30
C TRP A 211 26.03 7.99 -15.23
N ARG A 212 26.68 7.54 -14.15
CA ARG A 212 27.30 8.44 -13.17
C ARG A 212 26.26 9.30 -12.46
N ALA A 213 25.08 8.74 -12.22
CA ALA A 213 24.06 9.42 -11.44
C ALA A 213 24.55 9.60 -10.01
N ALA A 214 24.49 10.84 -9.52
CA ALA A 214 25.00 11.14 -8.20
C ALA A 214 23.97 10.81 -7.13
N ILE A 215 24.45 10.27 -6.00
CA ILE A 215 23.64 10.14 -4.80
C ILE A 215 23.52 11.53 -4.18
N VAL A 216 22.31 12.09 -4.22
CA VAL A 216 22.06 13.46 -3.77
C VAL A 216 21.07 13.45 -2.63
N VAL A 217 21.15 14.46 -1.77
CA VAL A 217 20.18 14.63 -0.70
C VAL A 217 18.94 15.31 -1.28
N ASN A 218 17.77 14.72 -1.02
CA ASN A 218 16.49 15.39 -1.20
C ASN A 218 16.51 16.72 -0.48
N GLY A 219 15.65 17.66 -0.87
CA GLY A 219 15.39 18.78 0.01
C GLY A 219 14.86 18.32 1.36
N HIS A 220 13.98 17.31 1.34
CA HIS A 220 13.44 16.69 2.55
C HIS A 220 14.47 15.87 3.32
N GLY A 221 15.67 15.67 2.78
CA GLY A 221 16.70 14.91 3.47
C GLY A 221 16.75 13.45 3.11
N MET A 222 16.20 13.04 1.97
CA MET A 222 16.17 11.65 1.55
C MET A 222 17.17 11.44 0.43
N THR A 223 18.13 10.55 0.65
CA THR A 223 18.90 10.03 -0.46
C THR A 223 18.11 8.90 -1.11
N PRO A 224 18.41 8.58 -2.37
CA PRO A 224 17.73 7.44 -3.00
C PRO A 224 17.83 6.14 -2.19
N LEU A 225 18.85 6.02 -1.33
CA LEU A 225 18.93 4.88 -0.42
C LEU A 225 17.78 4.91 0.58
N LYS A 226 17.52 6.09 1.17
CA LYS A 226 16.47 6.19 2.17
C LYS A 226 15.08 6.03 1.55
N VAL A 227 14.90 6.49 0.31
CA VAL A 227 13.63 6.27 -0.36
C VAL A 227 13.45 4.80 -0.67
N ALA A 228 14.50 4.17 -1.19
CA ALA A 228 14.45 2.73 -1.43
C ALA A 228 14.20 1.96 -0.13
N ALA A 229 14.84 2.38 0.95
CA ALA A 229 14.61 1.75 2.24
C ALA A 229 13.17 1.96 2.70
N GLU A 230 12.75 3.23 2.77
CA GLU A 230 11.42 3.55 3.27
C GLU A 230 10.34 2.88 2.45
N SER A 231 10.50 2.86 1.13
CA SER A 231 9.57 2.23 0.20
C SER A 231 9.71 0.73 0.17
N CYS A 232 10.53 0.16 1.06
CA CYS A 232 10.72 -1.28 1.23
C CYS A 232 11.15 -1.98 -0.04
N LYS A 233 11.76 -1.25 -0.98
CA LYS A 233 12.35 -1.84 -2.17
C LYS A 233 13.76 -2.30 -1.79
N ALA A 234 13.82 -3.49 -1.22
CA ALA A 234 15.08 -3.96 -0.64
C ALA A 234 16.10 -4.29 -1.72
N ASP A 235 15.66 -4.96 -2.79
CA ASP A 235 16.59 -5.33 -3.86
C ASP A 235 17.24 -4.11 -4.49
N VAL A 236 16.58 -2.95 -4.42
CA VAL A 236 17.19 -1.72 -4.90
C VAL A 236 18.25 -1.22 -3.92
N VAL A 237 18.01 -1.37 -2.61
CA VAL A 237 18.98 -0.92 -1.62
C VAL A 237 20.29 -1.68 -1.79
N GLU A 238 20.23 -2.99 -1.99
CA GLU A 238 21.43 -3.79 -2.14
C GLU A 238 22.27 -3.28 -3.30
N LEU A 239 21.61 -2.81 -4.36
CA LEU A 239 22.32 -2.30 -5.52
C LEU A 239 22.97 -0.96 -5.21
N LEU A 240 22.30 -0.10 -4.46
CA LEU A 240 22.86 1.19 -4.13
C LEU A 240 23.93 1.08 -3.06
N LEU A 241 23.76 0.14 -2.12
CA LEU A 241 24.83 -0.12 -1.16
C LEU A 241 26.09 -0.60 -1.85
N SER A 242 25.97 -1.12 -3.07
CA SER A 242 27.09 -1.72 -3.76
C SER A 242 28.05 -0.69 -4.37
N HIS A 243 27.84 0.61 -4.12
CA HIS A 243 28.67 1.66 -4.72
C HIS A 243 29.05 2.69 -3.66
N ALA A 244 29.80 3.72 -4.10
CA ALA A 244 30.46 4.65 -3.18
C ALA A 244 29.43 5.51 -2.47
N ASP A 245 29.21 5.23 -1.18
CA ASP A 245 28.07 5.82 -0.48
C ASP A 245 28.34 5.84 1.04
N CYS A 246 28.78 7.01 1.55
CA CYS A 246 28.79 7.37 2.96
C CYS A 246 29.23 6.14 3.80
N ASP A 247 30.52 5.86 3.81
CA ASP A 247 31.07 4.54 4.03
C ASP A 247 30.21 3.72 5.02
N ARG A 248 29.94 4.27 6.21
CA ARG A 248 29.15 3.54 7.20
C ARG A 248 27.90 4.30 7.66
N ARG A 249 28.05 5.58 8.01
CA ARG A 249 26.99 6.29 8.73
C ARG A 249 25.64 6.16 8.03
N SER A 250 25.58 6.59 6.76
CA SER A 250 24.34 6.43 6.00
C SER A 250 24.15 5.02 5.47
N ARG A 251 25.23 4.25 5.32
CA ARG A 251 25.11 2.87 4.88
C ARG A 251 24.30 2.04 5.87
N ILE A 252 24.35 2.40 7.15
CA ILE A 252 23.58 1.71 8.16
C ILE A 252 22.16 2.26 8.24
N GLU A 253 22.03 3.57 8.13
CA GLU A 253 20.71 4.20 8.12
C GLU A 253 19.79 3.49 7.14
N ALA A 254 20.30 3.21 5.93
CA ALA A 254 19.52 2.51 4.93
C ALA A 254 19.13 1.11 5.40
N LEU A 255 20.07 0.39 6.03
CA LEU A 255 19.80 -0.97 6.45
C LEU A 255 18.73 -1.03 7.53
N GLU A 256 18.78 -0.09 8.49
CA GLU A 256 17.81 -0.09 9.58
C GLU A 256 16.43 0.32 9.09
N LEU A 257 16.37 1.40 8.30
CA LEU A 257 15.12 1.85 7.72
C LEU A 257 14.52 0.76 6.83
N LEU A 258 15.37 0.05 6.08
CA LEU A 258 14.89 -1.06 5.28
C LEU A 258 14.28 -2.15 6.16
N GLY A 259 14.98 -2.54 7.21
CA GLY A 259 14.47 -3.56 8.10
C GLY A 259 13.25 -3.09 8.88
N ALA A 260 13.24 -1.82 9.28
CA ALA A 260 12.07 -1.27 9.94
C ALA A 260 10.85 -1.31 9.01
N SER A 261 11.04 -0.89 7.77
CA SER A 261 9.96 -0.82 6.79
C SER A 261 9.43 -2.19 6.39
N PHE A 262 10.00 -3.28 6.89
CA PHE A 262 9.40 -4.59 6.75
C PHE A 262 8.40 -4.89 7.86
N ALA A 263 8.19 -3.96 8.79
CA ALA A 263 7.23 -4.14 9.87
C ALA A 263 6.14 -3.09 9.88
N ASN A 264 6.28 -2.01 9.11
CA ASN A 264 5.35 -0.88 9.15
C ASN A 264 4.34 -0.90 8.01
N ASP A 265 4.05 -2.07 7.47
CA ASP A 265 3.03 -2.20 6.43
C ASP A 265 2.64 -3.67 6.31
N ARG A 266 1.38 -3.91 5.95
CA ARG A 266 0.94 -5.24 5.59
C ARG A 266 1.36 -5.61 4.19
N GLU A 267 1.96 -4.69 3.44
CA GLU A 267 2.49 -5.01 2.11
C GLU A 267 3.67 -5.98 2.20
N ASN A 268 4.55 -5.78 3.19
CA ASN A 268 5.68 -6.66 3.41
C ASN A 268 5.54 -7.46 4.71
N TYR A 269 5.39 -6.77 5.85
CA TYR A 269 5.05 -7.35 7.16
C TYR A 269 5.87 -8.60 7.51
N ASP A 270 7.04 -8.77 6.88
CA ASP A 270 7.88 -9.93 7.11
C ASP A 270 8.85 -9.60 8.25
N ILE A 271 8.75 -10.34 9.36
CA ILE A 271 9.55 -10.01 10.53
C ILE A 271 10.89 -10.75 10.54
N ILE A 272 11.06 -11.78 9.70
CA ILE A 272 12.39 -12.35 9.50
C ILE A 272 13.28 -11.36 8.79
N LYS A 273 12.77 -10.74 7.71
CA LYS A 273 13.53 -9.70 7.02
C LYS A 273 13.77 -8.50 7.93
N THR A 274 12.83 -8.20 8.82
CA THR A 274 13.04 -7.12 9.77
C THR A 274 14.27 -7.37 10.62
N TYR A 275 14.35 -8.54 11.26
CA TYR A 275 15.50 -8.81 12.10
C TYR A 275 16.77 -8.88 11.27
N HIS A 276 16.69 -9.46 10.08
CA HIS A 276 17.87 -9.69 9.25
C HIS A 276 18.63 -8.38 9.02
N TYR A 277 17.93 -7.34 8.57
CA TYR A 277 18.60 -6.08 8.25
C TYR A 277 18.94 -5.27 9.50
N LEU A 278 18.03 -5.25 10.48
CA LEU A 278 18.31 -4.51 11.71
C LEU A 278 19.55 -5.07 12.39
N TYR A 279 19.69 -6.40 12.40
CA TYR A 279 20.85 -7.00 13.06
C TYR A 279 22.11 -6.83 12.24
N LEU A 280 22.01 -6.93 10.91
CA LEU A 280 23.18 -6.64 10.08
C LEU A 280 23.61 -5.19 10.27
N ALA A 281 22.64 -4.28 10.31
CA ALA A 281 22.97 -2.91 10.66
C ALA A 281 23.62 -2.84 12.04
N MET A 282 23.12 -3.64 12.99
CA MET A 282 23.64 -3.61 14.34
C MET A 282 25.09 -4.09 14.40
N LEU A 283 25.40 -5.20 13.72
CA LEU A 283 26.79 -5.65 13.63
C LEU A 283 27.68 -4.59 13.01
N GLU A 284 27.17 -3.89 11.99
CA GLU A 284 27.99 -2.90 11.28
C GLU A 284 28.45 -1.78 12.20
N ARG A 285 27.65 -1.46 13.23
CA ARG A 285 28.05 -0.40 14.16
C ARG A 285 29.26 -0.84 14.98
N PHE A 286 29.28 -2.10 15.42
CA PHE A 286 30.35 -2.57 16.29
C PHE A 286 31.42 -3.25 15.44
N GLN A 287 32.37 -2.44 15.01
CA GLN A 287 33.50 -2.88 14.20
C GLN A 287 34.84 -2.45 14.76
N ASP A 288 34.95 -1.22 15.26
CA ASP A 288 36.21 -0.56 15.62
C ASP A 288 36.38 -0.49 17.15
N GLY A 289 37.34 0.32 17.58
CA GLY A 289 37.52 0.61 18.99
C GLY A 289 37.85 2.07 19.22
N ILE A 292 33.61 2.20 16.67
CA ILE A 292 32.25 2.00 17.15
C ILE A 292 31.34 3.14 16.70
N LEU A 293 30.09 2.81 16.35
CA LEU A 293 29.07 3.79 15.96
C LEU A 293 27.86 3.59 16.85
N GLU A 294 27.80 4.33 17.96
CA GLU A 294 26.76 4.10 18.94
C GLU A 294 25.44 4.69 18.49
N LYS A 295 24.36 4.13 19.05
CA LYS A 295 23.00 4.53 18.69
C LYS A 295 22.54 5.64 19.61
N GLU A 296 22.26 6.81 19.04
CA GLU A 296 21.71 7.93 19.82
C GLU A 296 20.21 7.73 19.99
N VAL A 297 19.89 6.72 20.81
CA VAL A 297 18.51 6.29 21.01
C VAL A 297 17.69 7.41 21.64
N LEU A 298 16.45 7.55 21.17
CA LEU A 298 15.54 8.54 21.69
C LEU A 298 14.88 8.01 22.97
N PRO A 299 14.32 8.91 23.79
CA PRO A 299 13.60 8.46 24.99
C PRO A 299 12.49 7.49 24.64
N PRO A 300 12.08 6.63 25.59
CA PRO A 300 11.05 5.65 25.27
C PRO A 300 9.72 6.34 24.96
N ILE A 301 9.09 5.93 23.87
CA ILE A 301 7.83 6.55 23.44
C ILE A 301 6.70 5.99 24.28
N HIS A 302 5.80 6.88 24.72
CA HIS A 302 4.65 6.46 25.52
C HIS A 302 3.75 5.51 24.75
N ALA A 303 3.74 5.62 23.42
CA ALA A 303 2.90 4.75 22.60
C ALA A 303 3.39 3.31 22.64
N TYR A 304 4.69 3.12 22.46
CA TYR A 304 5.28 1.78 22.39
C TYR A 304 5.60 1.23 23.78
N GLY A 305 4.58 1.22 24.65
CA GLY A 305 4.74 0.84 26.04
C GLY A 305 5.83 1.65 26.70
N ASN A 306 6.94 0.97 27.02
CA ASN A 306 8.16 1.64 27.44
C ASN A 306 9.36 1.16 26.64
N ARG A 307 9.12 0.46 25.53
CA ARG A 307 10.20 -0.15 24.77
C ARG A 307 11.17 0.92 24.26
N THR A 308 12.42 0.51 24.07
CA THR A 308 13.46 1.37 23.54
C THR A 308 14.23 0.62 22.46
N GLU A 309 15.00 1.37 21.69
CA GLU A 309 15.80 0.77 20.64
C GLU A 309 16.98 0.03 21.25
N CYS A 310 17.16 -1.23 20.82
CA CYS A 310 18.36 -1.97 21.20
C CYS A 310 19.60 -1.21 20.80
N ARG A 311 20.55 -1.09 21.72
CA ARG A 311 21.83 -0.44 21.42
C ARG A 311 22.99 -1.40 21.35
N ASN A 312 22.80 -2.66 21.72
CA ASN A 312 23.83 -3.68 21.67
C ASN A 312 23.30 -4.89 20.92
N PRO A 313 24.16 -5.60 20.17
CA PRO A 313 23.66 -6.77 19.41
C PRO A 313 22.94 -7.78 20.29
N GLN A 314 23.45 -8.02 21.51
CA GLN A 314 22.78 -8.94 22.43
C GLN A 314 21.39 -8.45 22.80
N GLU A 315 21.25 -7.14 23.06
CA GLU A 315 19.92 -6.57 23.28
C GLU A 315 18.99 -6.86 22.11
N LEU A 316 19.53 -6.89 20.90
CA LEU A 316 18.75 -7.23 19.71
C LEU A 316 18.71 -8.73 19.44
N GLU A 317 19.76 -9.46 19.81
CA GLU A 317 19.75 -10.92 19.65
C GLU A 317 18.68 -11.55 20.53
N SER A 318 18.34 -10.90 21.64
CA SER A 318 17.30 -11.39 22.53
C SER A 318 15.91 -11.34 21.90
N ILE A 319 15.76 -10.72 20.73
CA ILE A 319 14.45 -10.58 20.11
C ILE A 319 14.42 -11.16 18.71
N ARG A 320 15.33 -12.11 18.40
CA ARG A 320 15.17 -12.81 17.12
C ARG A 320 13.86 -13.61 17.10
N GLN A 321 13.34 -13.94 18.28
CA GLN A 321 11.99 -14.40 18.53
C GLN A 321 11.18 -13.23 19.09
N ASP A 322 9.95 -13.50 19.55
CA ASP A 322 9.07 -12.47 20.14
C ASP A 322 8.79 -11.35 19.12
N ARG A 323 8.06 -11.73 18.06
CA ARG A 323 7.72 -10.80 17.00
C ARG A 323 6.98 -9.56 17.51
N ASP A 324 6.56 -9.53 18.78
CA ASP A 324 6.06 -8.30 19.36
C ASP A 324 7.17 -7.27 19.54
N ALA A 325 8.24 -7.65 20.23
CA ALA A 325 9.29 -6.68 20.57
C ALA A 325 10.16 -6.33 19.37
N LEU A 326 9.85 -6.89 18.19
CA LEU A 326 10.43 -6.47 16.92
C LEU A 326 9.54 -5.42 16.24
N HIS A 327 8.24 -5.70 16.16
CA HIS A 327 7.28 -4.72 15.65
C HIS A 327 7.51 -3.36 16.28
N MET A 328 7.51 -3.31 17.62
CA MET A 328 7.86 -2.09 18.32
C MET A 328 9.24 -1.60 17.91
N GLU A 329 10.23 -2.49 17.96
CA GLU A 329 11.58 -2.15 17.51
C GLU A 329 11.56 -1.60 16.09
N GLY A 330 10.69 -2.15 15.24
CA GLY A 330 10.56 -1.62 13.89
C GLY A 330 10.03 -0.21 13.88
N LEU A 331 9.10 0.10 14.78
CA LEU A 331 8.48 1.43 14.79
C LEU A 331 9.40 2.48 15.43
N ILE A 332 10.14 2.10 16.48
CA ILE A 332 11.10 3.01 17.07
C ILE A 332 12.22 3.32 16.09
N VAL A 333 12.69 2.31 15.36
CA VAL A 333 13.80 2.50 14.42
C VAL A 333 13.38 3.42 13.28
N ARG A 334 12.14 3.27 12.79
CA ARG A 334 11.66 4.17 11.75
C ARG A 334 11.47 5.58 12.27
N GLU A 335 10.84 5.72 13.44
CA GLU A 335 10.58 7.04 14.00
C GLU A 335 11.87 7.79 14.29
N ARG A 336 12.94 7.07 14.65
CA ARG A 336 14.20 7.72 14.98
C ARG A 336 14.91 8.24 13.72
N ILE A 337 14.64 7.64 12.55
CA ILE A 337 15.35 7.96 11.32
C ILE A 337 14.56 8.95 10.47
N LEU A 338 13.24 8.93 10.58
CA LEU A 338 12.37 9.82 9.81
C LEU A 338 11.77 10.94 10.66
N GLY A 339 11.22 10.60 11.82
CA GLY A 339 10.63 11.59 12.70
C GLY A 339 9.46 11.07 13.50
N ARG A 350 3.30 13.86 -0.26
CA ARG A 350 4.73 13.60 -0.38
C ARG A 350 5.35 14.47 -1.47
N LEU A 351 6.65 14.23 -1.73
CA LEU A 351 7.40 14.88 -2.80
C LEU A 351 7.26 14.12 -4.13
N LEU A 352 6.00 13.87 -4.50
CA LEU A 352 5.61 13.36 -5.82
C LEU A 352 4.50 14.29 -6.31
N LEU A 353 4.89 15.40 -6.92
CA LEU A 353 3.93 16.38 -7.41
C LEU A 353 3.90 16.41 -8.94
N GLY A 354 5.03 16.66 -9.59
CA GLY A 354 5.01 16.91 -11.02
C GLY A 354 5.16 15.69 -11.90
N LEU A 355 4.42 14.62 -11.60
CA LEU A 355 4.56 13.35 -12.31
C LEU A 355 3.38 13.06 -13.22
N ASP A 356 2.85 14.10 -13.86
CA ASP A 356 1.81 13.95 -14.88
C ASP A 356 2.36 14.36 -16.24
N ARG A 357 1.53 14.15 -17.25
CA ARG A 357 1.84 14.44 -18.66
C ARG A 357 2.47 15.82 -18.87
N GLY B 1 20.87 -41.55 30.88
CA GLY B 1 22.14 -41.66 30.18
C GLY B 1 22.02 -41.52 28.68
N HIS B 2 22.36 -42.58 27.95
CA HIS B 2 22.18 -42.64 26.50
C HIS B 2 20.69 -42.79 26.09
N MET B 3 19.80 -42.74 27.08
CA MET B 3 18.37 -42.69 26.85
C MET B 3 17.90 -41.31 26.43
N GLU B 4 18.81 -40.33 26.34
CA GLU B 4 18.45 -39.07 25.71
C GLU B 4 18.21 -39.26 24.22
N GLY B 5 19.00 -40.13 23.58
CA GLY B 5 18.82 -40.37 22.16
C GLY B 5 17.52 -41.07 21.84
N LEU B 6 17.13 -42.03 22.68
CA LEU B 6 15.84 -42.70 22.49
C LEU B 6 14.70 -41.68 22.48
N ALA B 7 14.71 -40.72 23.41
CA ALA B 7 13.69 -39.68 23.43
C ALA B 7 13.64 -38.92 22.11
N GLY B 8 14.75 -38.90 21.37
CA GLY B 8 14.77 -38.29 20.05
C GLY B 8 14.09 -39.16 19.02
N TYR B 9 14.31 -40.46 19.09
CA TYR B 9 13.59 -41.39 18.21
C TYR B 9 12.09 -41.31 18.46
N VAL B 10 11.68 -41.15 19.72
CA VAL B 10 10.27 -40.97 20.03
C VAL B 10 9.76 -39.67 19.41
N TYR B 11 10.55 -38.60 19.52
CA TYR B 11 10.12 -37.31 18.98
C TYR B 11 10.02 -37.36 17.46
N LYS B 12 11.00 -37.98 16.80
CA LYS B 12 10.94 -38.10 15.35
C LYS B 12 9.68 -38.82 14.91
N ALA B 13 9.42 -39.99 15.48
CA ALA B 13 8.20 -40.72 15.15
C ALA B 13 6.96 -39.87 15.42
N ALA B 14 6.90 -39.24 16.59
CA ALA B 14 5.71 -38.47 16.96
C ALA B 14 5.42 -37.37 15.96
N SER B 15 6.45 -36.61 15.59
CA SER B 15 6.26 -35.51 14.65
C SER B 15 5.97 -35.99 13.23
N GLU B 16 6.33 -37.23 12.91
CA GLU B 16 6.07 -37.78 11.58
C GLU B 16 4.73 -38.50 11.49
N GLY B 17 4.17 -38.92 12.62
CA GLY B 17 2.93 -39.67 12.61
C GLY B 17 3.08 -41.16 12.44
N LYS B 18 4.31 -41.66 12.40
CA LYS B 18 4.56 -43.09 12.23
C LYS B 18 4.20 -43.80 13.54
N VAL B 19 2.89 -44.02 13.72
CA VAL B 19 2.38 -44.50 15.00
C VAL B 19 2.79 -45.94 15.24
N LEU B 20 2.77 -46.77 14.20
CA LEU B 20 3.27 -48.14 14.32
C LEU B 20 4.71 -48.14 14.78
N THR B 21 5.56 -47.34 14.13
CA THR B 21 6.97 -47.29 14.49
C THR B 21 7.16 -46.68 15.88
N LEU B 22 6.25 -45.79 16.30
CA LEU B 22 6.35 -45.17 17.61
C LEU B 22 5.96 -46.14 18.72
N ALA B 23 4.92 -46.95 18.49
CA ALA B 23 4.46 -47.88 19.50
C ALA B 23 5.58 -48.83 19.92
N ALA B 24 6.32 -49.36 18.94
CA ALA B 24 7.42 -50.27 19.27
C ALA B 24 8.50 -49.57 20.08
N LEU B 25 8.63 -48.25 19.94
CA LEU B 25 9.61 -47.50 20.73
C LEU B 25 9.26 -47.53 22.21
N LEU B 26 7.98 -47.41 22.55
CA LEU B 26 7.55 -47.26 23.93
C LEU B 26 7.06 -48.57 24.55
N LEU B 27 7.24 -49.70 23.87
CA LEU B 27 6.51 -50.89 24.29
C LEU B 27 7.05 -51.46 25.60
N ASN B 28 8.29 -51.94 25.60
CA ASN B 28 8.84 -52.62 26.78
C ASN B 28 9.60 -51.62 27.64
N ARG B 29 8.85 -50.67 28.21
CA ARG B 29 9.41 -49.56 28.97
C ARG B 29 8.76 -49.45 30.34
N SER B 30 9.57 -49.01 31.32
CA SER B 30 9.12 -48.85 32.70
C SER B 30 8.43 -47.50 32.89
N GLU B 31 7.73 -47.36 34.02
CA GLU B 31 6.94 -46.15 34.24
C GLU B 31 7.84 -44.92 34.31
N SER B 32 8.94 -45.00 35.06
CA SER B 32 9.90 -43.90 35.09
C SER B 32 10.47 -43.61 33.71
N ASP B 33 10.45 -44.60 32.81
CA ASP B 33 11.01 -44.44 31.47
C ASP B 33 10.06 -43.63 30.58
N ILE B 34 8.83 -44.11 30.38
CA ILE B 34 7.92 -43.43 29.47
C ILE B 34 7.60 -42.03 29.96
N ARG B 35 7.72 -41.78 31.26
CA ARG B 35 7.55 -40.42 31.75
C ARG B 35 8.65 -39.51 31.23
N TYR B 36 9.87 -40.05 31.08
CA TYR B 36 10.95 -39.28 30.47
C TYR B 36 10.81 -39.22 28.95
N LEU B 37 10.45 -40.35 28.33
CA LEU B 37 10.37 -40.39 26.86
C LEU B 37 9.20 -39.57 26.33
N LEU B 38 8.12 -39.45 27.09
CA LEU B 38 7.00 -38.60 26.71
C LEU B 38 7.06 -37.23 27.36
N GLY B 39 8.21 -36.85 27.92
CA GLY B 39 8.36 -35.57 28.56
C GLY B 39 9.53 -34.75 28.02
N TYR B 40 10.48 -35.42 27.39
CA TYR B 40 11.71 -34.76 26.94
C TYR B 40 11.39 -33.60 26.00
N VAL B 41 11.89 -32.42 26.34
CA VAL B 41 11.73 -31.23 25.51
C VAL B 41 12.93 -31.18 24.57
N SER B 42 12.72 -31.62 23.33
CA SER B 42 13.71 -31.56 22.27
C SER B 42 13.43 -30.37 21.36
N GLN B 43 14.41 -30.01 20.54
CA GLN B 43 14.37 -28.78 19.74
C GLN B 43 14.57 -29.10 18.26
N GLN B 44 13.51 -28.90 17.47
CA GLN B 44 13.59 -28.97 16.00
C GLN B 44 13.71 -27.54 15.48
N GLY B 45 14.92 -27.01 15.61
CA GLY B 45 15.15 -25.59 15.47
C GLY B 45 14.96 -24.92 16.81
N GLY B 46 14.51 -23.66 16.81
CA GLY B 46 14.09 -23.04 18.04
C GLY B 46 12.77 -23.57 18.58
N GLN B 47 12.10 -24.42 17.80
CA GLN B 47 10.79 -24.97 18.14
C GLN B 47 10.99 -26.10 19.15
N ARG B 48 11.05 -25.75 20.43
CA ARG B 48 11.23 -26.72 21.51
C ARG B 48 9.85 -27.26 21.90
N SER B 49 9.68 -28.58 21.83
CA SER B 49 8.39 -29.20 22.09
C SER B 49 8.56 -30.63 22.59
N THR B 50 7.43 -31.32 22.79
CA THR B 50 7.33 -32.66 23.31
C THR B 50 6.65 -33.59 22.29
N PRO B 51 6.86 -34.92 22.40
CA PRO B 51 6.12 -35.87 21.56
C PRO B 51 4.64 -35.57 21.40
N LEU B 52 3.93 -35.31 22.51
CA LEU B 52 2.50 -35.04 22.39
C LEU B 52 2.24 -33.77 21.62
N ILE B 53 2.93 -32.69 21.97
CA ILE B 53 2.64 -31.40 21.35
C ILE B 53 2.95 -31.44 19.86
N ILE B 54 4.16 -31.92 19.50
CA ILE B 54 4.59 -31.84 18.10
C ILE B 54 3.71 -32.70 17.22
N ALA B 55 3.11 -33.76 17.78
CA ALA B 55 2.23 -34.61 16.99
C ALA B 55 0.85 -33.98 16.83
N ALA B 56 0.32 -33.38 17.88
CA ALA B 56 -0.95 -32.67 17.77
C ALA B 56 -0.84 -31.45 16.86
N ARG B 57 0.35 -30.85 16.79
CA ARG B 57 0.57 -29.71 15.92
C ARG B 57 0.48 -30.12 14.45
N ASN B 58 0.77 -31.40 14.15
CA ASN B 58 0.78 -31.91 12.79
C ASN B 58 -0.45 -32.73 12.42
N GLY B 59 -1.42 -32.85 13.33
CA GLY B 59 -2.62 -33.58 13.01
C GLY B 59 -2.43 -35.08 12.86
N HIS B 60 -1.48 -35.66 13.60
CA HIS B 60 -1.27 -37.10 13.60
C HIS B 60 -2.15 -37.72 14.69
N ALA B 61 -3.43 -37.90 14.35
CA ALA B 61 -4.40 -38.37 15.33
C ALA B 61 -4.10 -39.79 15.80
N LYS B 62 -3.55 -40.64 14.92
CA LYS B 62 -3.17 -41.99 15.33
C LYS B 62 -2.12 -41.94 16.43
N VAL B 63 -1.28 -40.92 16.44
CA VAL B 63 -0.26 -40.80 17.48
C VAL B 63 -0.83 -40.12 18.73
N VAL B 64 -1.71 -39.14 18.53
CA VAL B 64 -2.38 -38.50 19.67
C VAL B 64 -3.28 -39.49 20.38
N ARG B 65 -3.92 -40.38 19.62
CA ARG B 65 -4.75 -41.40 20.26
C ARG B 65 -3.89 -42.38 21.07
N LEU B 66 -2.73 -42.78 20.52
CA LEU B 66 -1.87 -43.71 21.25
C LEU B 66 -1.39 -43.08 22.56
N LEU B 67 -0.93 -41.83 22.51
CA LEU B 67 -0.39 -41.21 23.73
C LEU B 67 -1.49 -40.94 24.75
N LEU B 68 -2.66 -40.50 24.30
CA LEU B 68 -3.70 -40.11 25.25
C LEU B 68 -4.39 -41.32 25.88
N GLU B 69 -4.60 -42.39 25.11
CA GLU B 69 -5.33 -43.55 25.60
C GLU B 69 -4.42 -44.56 26.30
N HIS B 70 -3.43 -45.10 25.59
CA HIS B 70 -2.66 -46.21 26.14
C HIS B 70 -1.61 -45.75 27.15
N TYR B 71 -0.91 -44.65 26.88
CA TYR B 71 0.18 -44.20 27.74
C TYR B 71 -0.24 -43.07 28.68
N ARG B 72 -1.53 -42.76 28.73
CA ARG B 72 -2.13 -41.79 29.67
C ARG B 72 -1.22 -40.58 29.88
N VAL B 73 -0.84 -39.96 28.77
CA VAL B 73 0.03 -38.79 28.83
C VAL B 73 -0.82 -37.57 29.18
N GLN B 74 -0.20 -36.61 29.86
CA GLN B 74 -0.91 -35.45 30.35
C GLN B 74 -1.18 -34.46 29.24
N THR B 75 -2.33 -33.76 29.33
CA THR B 75 -2.70 -32.78 28.32
C THR B 75 -2.24 -31.36 28.65
N GLN B 76 -1.83 -31.11 29.89
CA GLN B 76 -1.46 -29.77 30.31
C GLN B 76 -0.13 -29.31 29.73
N GLN B 77 0.59 -30.18 29.01
CA GLN B 77 1.95 -29.88 28.56
C GLN B 77 1.99 -28.61 27.72
N THR B 78 2.99 -27.77 27.97
CA THR B 78 3.15 -26.49 27.30
C THR B 78 4.53 -26.39 26.68
N GLY B 79 4.58 -25.96 25.42
CA GLY B 79 5.84 -25.78 24.73
C GLY B 79 5.83 -24.60 23.77
N THR B 80 6.86 -24.49 22.94
CA THR B 80 6.96 -23.44 21.93
C THR B 80 6.93 -24.06 20.55
N VAL B 81 6.03 -23.57 19.69
CA VAL B 81 5.85 -24.10 18.36
C VAL B 81 6.07 -23.00 17.34
N ARG B 82 6.10 -23.38 16.07
CA ARG B 82 6.44 -22.49 14.97
C ARG B 82 5.19 -22.24 14.14
N PHE B 83 4.50 -21.13 14.40
CA PHE B 83 3.33 -20.72 13.63
C PHE B 83 3.65 -19.47 12.84
N ASP B 84 3.31 -19.48 11.55
CA ASP B 84 3.46 -18.32 10.67
C ASP B 84 4.90 -17.80 10.71
N GLY B 85 5.86 -18.71 10.69
CA GLY B 85 7.27 -18.36 10.80
C GLY B 85 7.72 -18.00 12.20
N TYR B 86 7.01 -17.09 12.86
CA TYR B 86 7.34 -16.68 14.21
C TYR B 86 7.24 -17.87 15.17
N VAL B 87 7.86 -17.71 16.33
CA VAL B 87 7.75 -18.68 17.40
C VAL B 87 6.69 -18.21 18.39
N ILE B 88 5.89 -19.15 18.87
CA ILE B 88 4.83 -18.89 19.83
C ILE B 88 5.15 -19.69 21.09
N ASP B 89 5.03 -19.04 22.24
CA ASP B 89 5.58 -19.55 23.48
C ASP B 89 4.47 -19.98 24.43
N GLY B 90 4.67 -21.12 25.10
CA GLY B 90 3.72 -21.62 26.08
C GLY B 90 2.36 -22.03 25.52
N ALA B 91 2.38 -22.98 24.58
CA ALA B 91 1.18 -23.42 23.90
C ALA B 91 0.94 -24.90 24.15
N THR B 92 -0.32 -25.25 24.42
CA THR B 92 -0.68 -26.65 24.65
C THR B 92 -0.85 -27.39 23.34
N ALA B 93 -0.93 -28.72 23.44
CA ALA B 93 -1.23 -29.51 22.25
C ALA B 93 -2.59 -29.14 21.67
N LEU B 94 -3.56 -28.78 22.52
CA LEU B 94 -4.87 -28.38 22.03
C LEU B 94 -4.79 -27.04 21.31
N TRP B 95 -3.97 -26.11 21.82
CA TRP B 95 -3.86 -24.81 21.17
C TRP B 95 -3.29 -24.95 19.77
N CYS B 96 -2.30 -25.82 19.59
CA CYS B 96 -1.75 -26.01 18.26
C CYS B 96 -2.79 -26.59 17.30
N ALA B 97 -3.46 -27.67 17.72
CA ALA B 97 -4.46 -28.28 16.86
C ALA B 97 -5.56 -27.28 16.51
N ALA B 98 -6.06 -26.56 17.51
CA ALA B 98 -7.11 -25.58 17.25
C ALA B 98 -6.66 -24.51 16.27
N GLY B 99 -5.41 -24.08 16.40
CA GLY B 99 -4.89 -23.10 15.45
C GLY B 99 -4.65 -23.69 14.08
N ALA B 100 -4.10 -24.89 14.03
CA ALA B 100 -3.75 -25.53 12.76
C ALA B 100 -4.95 -26.16 12.05
N GLY B 101 -6.15 -26.02 12.59
CA GLY B 101 -7.31 -26.58 11.92
C GLY B 101 -7.41 -28.09 11.93
N HIS B 102 -6.68 -28.78 12.82
CA HIS B 102 -6.70 -30.23 12.92
C HIS B 102 -7.89 -30.66 13.78
N PHE B 103 -9.06 -30.78 13.14
CA PHE B 103 -10.30 -30.93 13.90
C PHE B 103 -10.31 -32.21 14.72
N GLU B 104 -9.85 -33.33 14.13
CA GLU B 104 -9.91 -34.60 14.84
C GLU B 104 -9.08 -34.57 16.12
N VAL B 105 -7.86 -34.04 16.03
CA VAL B 105 -7.00 -33.95 17.21
C VAL B 105 -7.64 -33.08 18.28
N VAL B 106 -8.35 -32.03 17.87
CA VAL B 106 -9.08 -31.20 18.83
C VAL B 106 -10.09 -32.03 19.59
N LYS B 107 -10.85 -32.87 18.87
CA LYS B 107 -11.86 -33.71 19.50
C LYS B 107 -11.24 -34.71 20.48
N LEU B 108 -10.03 -35.19 20.19
CA LEU B 108 -9.35 -36.09 21.11
C LEU B 108 -8.89 -35.37 22.37
N LEU B 109 -8.25 -34.21 22.20
CA LEU B 109 -7.68 -33.52 23.36
C LEU B 109 -8.75 -32.93 24.27
N VAL B 110 -9.89 -32.50 23.72
CA VAL B 110 -10.97 -32.02 24.57
C VAL B 110 -11.67 -33.19 25.25
N SER B 111 -11.78 -34.34 24.54
CA SER B 111 -12.34 -35.54 25.15
C SER B 111 -11.52 -35.98 26.36
N HIS B 112 -10.21 -36.04 26.20
CA HIS B 112 -9.33 -36.47 27.27
C HIS B 112 -9.02 -35.34 28.25
N GLY B 113 -9.84 -34.30 28.27
CA GLY B 113 -9.93 -33.37 29.38
C GLY B 113 -8.99 -32.19 29.35
N ALA B 114 -8.48 -31.80 28.19
CA ALA B 114 -7.52 -30.71 28.15
C ALA B 114 -8.19 -29.41 28.59
N ASN B 115 -7.39 -28.51 29.15
CA ASN B 115 -7.86 -27.20 29.59
C ASN B 115 -8.21 -26.38 28.36
N VAL B 116 -9.50 -26.35 28.01
CA VAL B 116 -9.95 -25.69 26.80
C VAL B 116 -9.62 -24.20 26.83
N ASN B 117 -9.58 -23.61 28.02
CA ASN B 117 -9.34 -22.19 28.18
C ASN B 117 -7.92 -21.89 28.63
N HIS B 118 -6.97 -22.68 28.15
CA HIS B 118 -5.56 -22.49 28.46
C HIS B 118 -5.08 -21.14 27.94
N THR B 119 -3.92 -20.71 28.43
CA THR B 119 -3.40 -19.39 28.12
C THR B 119 -1.98 -19.51 27.55
N THR B 120 -1.80 -19.08 26.30
CA THR B 120 -0.48 -18.85 25.75
C THR B 120 0.17 -17.65 26.46
N VAL B 121 1.50 -17.54 26.35
CA VAL B 121 2.21 -16.42 26.96
C VAL B 121 1.68 -15.07 26.48
N THR B 122 0.91 -15.04 25.39
CA THR B 122 0.19 -13.83 25.00
C THR B 122 -1.28 -13.89 25.40
N ASN B 123 -1.68 -14.90 26.17
CA ASN B 123 -3.06 -15.09 26.61
C ASN B 123 -3.98 -15.41 25.42
N SER B 124 -3.52 -16.28 24.53
CA SER B 124 -4.29 -16.71 23.38
C SER B 124 -4.92 -18.07 23.68
N THR B 125 -6.24 -18.09 23.88
CA THR B 125 -6.92 -19.35 24.12
C THR B 125 -7.02 -20.13 22.81
N PRO B 126 -7.13 -21.46 22.87
CA PRO B 126 -7.32 -22.23 21.63
C PRO B 126 -8.52 -21.79 20.83
N LEU B 127 -9.56 -21.25 21.48
CA LEU B 127 -10.66 -20.67 20.74
C LEU B 127 -10.16 -19.54 19.84
N ARG B 128 -9.21 -18.74 20.35
CA ARG B 128 -8.68 -17.63 19.57
C ARG B 128 -7.85 -18.13 18.40
N ALA B 129 -6.96 -19.10 18.64
CA ALA B 129 -6.14 -19.64 17.58
C ALA B 129 -6.97 -20.18 16.43
N ALA B 130 -8.16 -20.70 16.73
CA ALA B 130 -9.04 -21.14 15.67
C ALA B 130 -9.84 -19.99 15.09
N CYS B 131 -10.06 -18.92 15.86
CA CYS B 131 -10.74 -17.74 15.32
C CYS B 131 -9.88 -17.05 14.27
N PHE B 132 -8.60 -16.83 14.59
CA PHE B 132 -7.61 -16.32 13.64
C PHE B 132 -7.68 -17.10 12.32
N ASP B 133 -7.64 -18.43 12.42
CA ASP B 133 -7.58 -19.29 11.23
C ASP B 133 -8.85 -19.20 10.40
N GLY B 134 -9.98 -18.91 11.03
CA GLY B 134 -11.24 -18.94 10.33
C GLY B 134 -11.88 -20.32 10.26
N ARG B 135 -11.43 -21.26 11.09
CA ARG B 135 -12.05 -22.59 11.19
C ARG B 135 -13.31 -22.49 12.03
N LEU B 136 -14.47 -22.45 11.36
CA LEU B 136 -15.72 -22.17 12.05
C LEU B 136 -16.15 -23.34 12.94
N ASP B 137 -16.01 -24.58 12.45
CA ASP B 137 -16.46 -25.72 13.23
C ASP B 137 -15.63 -25.94 14.49
N ILE B 138 -14.32 -25.65 14.43
CA ILE B 138 -13.49 -25.73 15.63
C ILE B 138 -13.87 -24.63 16.62
N VAL B 139 -14.37 -23.49 16.13
CA VAL B 139 -14.84 -22.46 17.03
C VAL B 139 -16.14 -22.90 17.70
N LYS B 140 -17.08 -23.45 16.91
CA LYS B 140 -18.33 -23.94 17.46
C LYS B 140 -18.08 -25.05 18.46
N TYR B 141 -17.22 -26.01 18.10
CA TYR B 141 -16.89 -27.12 19.00
C TYR B 141 -16.37 -26.62 20.35
N LEU B 142 -15.39 -25.71 20.33
CA LEU B 142 -14.75 -25.29 21.57
C LEU B 142 -15.68 -24.43 22.43
N VAL B 143 -16.51 -23.59 21.80
CA VAL B 143 -17.50 -22.83 22.55
C VAL B 143 -18.50 -23.76 23.22
N GLU B 144 -18.92 -24.81 22.49
CA GLU B 144 -19.84 -25.80 23.06
C GLU B 144 -19.23 -26.53 24.25
N ASN B 145 -17.91 -26.65 24.30
CA ASN B 145 -17.20 -27.28 25.41
C ASN B 145 -16.69 -26.24 26.41
N ASN B 146 -17.46 -25.17 26.60
CA ASN B 146 -17.23 -24.13 27.64
C ASN B 146 -16.01 -23.26 27.35
N ALA B 147 -15.84 -22.82 26.10
CA ALA B 147 -14.82 -21.83 25.81
C ALA B 147 -15.30 -20.46 26.29
N ASN B 148 -14.65 -19.92 27.32
CA ASN B 148 -14.92 -18.56 27.75
C ASN B 148 -14.46 -17.60 26.65
N ILE B 149 -15.41 -17.04 25.91
CA ILE B 149 -15.08 -16.12 24.83
C ILE B 149 -14.49 -14.82 25.37
N SER B 150 -14.80 -14.46 26.61
CA SER B 150 -14.34 -13.20 27.17
C SER B 150 -12.83 -13.11 27.29
N ILE B 151 -12.12 -14.24 27.28
CA ILE B 151 -10.68 -14.23 27.50
C ILE B 151 -10.00 -13.62 26.28
N ALA B 152 -9.34 -12.49 26.48
CA ALA B 152 -8.60 -11.80 25.44
C ALA B 152 -7.10 -11.99 25.64
N ASN B 153 -6.35 -11.60 24.62
CA ASN B 153 -4.91 -11.79 24.62
C ASN B 153 -4.25 -10.69 25.44
N LYS B 154 -2.92 -10.56 25.30
CA LYS B 154 -2.16 -9.60 26.09
C LYS B 154 -2.62 -8.17 25.85
N TYR B 155 -3.09 -7.85 24.66
CA TYR B 155 -3.54 -6.49 24.36
C TYR B 155 -5.06 -6.38 24.39
N ASP B 156 -5.70 -7.17 25.25
CA ASP B 156 -7.15 -7.14 25.43
C ASP B 156 -7.90 -7.27 24.11
N ASN B 157 -7.32 -8.02 23.17
CA ASN B 157 -7.88 -8.18 21.84
C ASN B 157 -8.72 -9.46 21.84
N THR B 158 -10.02 -9.31 21.65
CA THR B 158 -10.96 -10.41 21.82
C THR B 158 -10.91 -11.37 20.63
N CYS B 159 -11.62 -12.49 20.76
CA CYS B 159 -11.79 -13.39 19.62
C CYS B 159 -12.70 -12.79 18.57
N LEU B 160 -13.67 -11.98 19.01
CA LEU B 160 -14.51 -11.27 18.05
C LEU B 160 -13.71 -10.23 17.27
N MET B 161 -12.70 -9.65 17.89
CA MET B 161 -11.86 -8.68 17.19
C MET B 161 -11.05 -9.36 16.08
N ILE B 162 -10.21 -10.32 16.44
CA ILE B 162 -9.34 -10.97 15.46
C ILE B 162 -10.16 -11.53 14.31
N ALA B 163 -11.39 -11.97 14.58
CA ALA B 163 -12.23 -12.50 13.52
C ALA B 163 -12.72 -11.39 12.60
N ALA B 164 -12.96 -10.20 13.14
CA ALA B 164 -13.34 -9.08 12.29
C ALA B 164 -12.19 -8.61 11.42
N TYR B 165 -10.98 -8.49 12.00
CA TYR B 165 -9.84 -8.00 11.25
C TYR B 165 -9.43 -8.97 10.15
N LYS B 166 -9.53 -10.27 10.39
CA LYS B 166 -9.19 -11.25 9.37
C LYS B 166 -10.32 -11.44 8.35
N GLY B 167 -11.54 -11.00 8.66
CA GLY B 167 -12.61 -11.03 7.69
C GLY B 167 -13.39 -12.32 7.59
N HIS B 168 -13.51 -13.06 8.69
CA HIS B 168 -14.31 -14.29 8.71
C HIS B 168 -15.74 -13.93 9.12
N THR B 169 -16.58 -13.66 8.14
CA THR B 169 -17.95 -13.26 8.45
C THR B 169 -18.74 -14.39 9.12
N ASP B 170 -18.49 -15.65 8.71
CA ASP B 170 -19.19 -16.77 9.33
C ASP B 170 -18.91 -16.86 10.82
N VAL B 171 -17.63 -16.81 11.21
CA VAL B 171 -17.29 -16.99 12.63
C VAL B 171 -17.59 -15.75 13.45
N VAL B 172 -17.70 -14.58 12.82
CA VAL B 172 -18.12 -13.38 13.53
C VAL B 172 -19.61 -13.48 13.87
N ARG B 173 -20.41 -13.98 12.92
CA ARG B 173 -21.83 -14.18 13.17
C ARG B 173 -22.04 -15.11 14.35
N TYR B 174 -21.38 -16.27 14.32
CA TYR B 174 -21.56 -17.26 15.38
C TYR B 174 -21.13 -16.71 16.74
N LEU B 175 -20.08 -15.88 16.77
CA LEU B 175 -19.64 -15.33 18.05
C LEU B 175 -20.65 -14.34 18.62
N LEU B 176 -21.17 -13.45 17.78
CA LEU B 176 -22.21 -12.54 18.25
C LEU B 176 -23.45 -13.32 18.71
N GLU B 177 -23.76 -14.42 18.02
CA GLU B 177 -24.85 -15.30 18.45
C GLU B 177 -24.67 -15.76 19.89
N GLN B 178 -23.43 -15.94 20.33
CA GLN B 178 -23.13 -16.41 21.68
C GLN B 178 -22.95 -15.28 22.67
N ARG B 179 -23.64 -14.16 22.45
CA ARG B 179 -23.62 -13.03 23.38
C ARG B 179 -22.19 -12.52 23.62
N ALA B 180 -21.40 -12.50 22.55
CA ALA B 180 -20.10 -11.88 22.60
C ALA B 180 -20.25 -10.37 22.71
N ASP B 181 -19.40 -9.75 23.50
CA ASP B 181 -19.45 -8.31 23.68
C ASP B 181 -18.90 -7.62 22.44
N PRO B 182 -19.71 -6.83 21.72
CA PRO B 182 -19.18 -6.14 20.53
C PRO B 182 -18.39 -4.91 20.92
N ASN B 183 -18.83 -4.23 21.98
CA ASN B 183 -18.24 -2.96 22.39
C ASN B 183 -16.96 -3.13 23.20
N ALA B 184 -16.46 -4.36 23.31
CA ALA B 184 -15.20 -4.61 23.99
C ALA B 184 -14.11 -3.76 23.36
N LYS B 185 -13.36 -3.06 24.21
CA LYS B 185 -12.24 -2.23 23.77
C LYS B 185 -10.93 -2.98 23.96
N ALA B 186 -9.98 -2.71 23.07
CA ALA B 186 -8.65 -3.30 23.12
C ALA B 186 -7.68 -2.32 23.78
N HIS B 187 -6.41 -2.71 23.83
CA HIS B 187 -5.40 -1.85 24.45
C HIS B 187 -5.35 -0.48 23.81
N CYS B 188 -5.52 -0.40 22.49
CA CYS B 188 -5.52 0.88 21.79
C CYS B 188 -6.86 1.60 21.88
N GLY B 189 -7.89 0.97 22.44
CA GLY B 189 -9.20 1.57 22.50
C GLY B 189 -10.10 1.27 21.33
N ALA B 190 -9.76 0.26 20.54
CA ALA B 190 -10.48 -0.06 19.32
C ALA B 190 -11.41 -1.24 19.55
N THR B 191 -12.63 -1.15 19.01
CA THR B 191 -13.57 -2.24 19.08
C THR B 191 -13.42 -3.13 17.85
N ALA B 192 -14.28 -4.14 17.73
CA ALA B 192 -14.28 -4.95 16.52
C ALA B 192 -14.81 -4.17 15.34
N LEU B 193 -15.62 -3.13 15.59
CA LEU B 193 -16.02 -2.23 14.50
C LEU B 193 -14.79 -1.58 13.86
N HIS B 194 -13.89 -1.07 14.69
CA HIS B 194 -12.69 -0.43 14.18
C HIS B 194 -11.92 -1.36 13.24
N PHE B 195 -11.57 -2.55 13.71
CA PHE B 195 -10.80 -3.48 12.88
C PHE B 195 -11.57 -3.88 11.63
N ALA B 196 -12.88 -4.15 11.77
CA ALA B 196 -13.67 -4.53 10.60
C ALA B 196 -13.72 -3.41 9.58
N ALA B 197 -13.96 -2.18 10.03
CA ALA B 197 -14.08 -1.05 9.10
C ALA B 197 -12.73 -0.70 8.48
N GLU B 198 -11.64 -0.83 9.23
CA GLU B 198 -10.33 -0.53 8.67
C GLU B 198 -9.98 -1.50 7.55
N ALA B 199 -10.06 -2.79 7.82
CA ALA B 199 -9.80 -3.79 6.79
C ALA B 199 -10.84 -3.77 5.69
N GLY B 200 -12.00 -3.17 5.94
CA GLY B 200 -12.98 -2.95 4.90
C GLY B 200 -13.99 -4.07 4.68
N HIS B 201 -14.08 -5.03 5.61
CA HIS B 201 -15.03 -6.13 5.46
C HIS B 201 -16.43 -5.61 5.71
N ILE B 202 -17.15 -5.29 4.64
CA ILE B 202 -18.45 -4.66 4.77
C ILE B 202 -19.45 -5.58 5.46
N ASP B 203 -19.29 -6.89 5.30
CA ASP B 203 -20.22 -7.83 5.93
C ASP B 203 -20.14 -7.77 7.44
N ILE B 204 -18.92 -7.86 7.98
CA ILE B 204 -18.76 -7.87 9.43
C ILE B 204 -19.19 -6.53 10.03
N VAL B 205 -19.09 -5.45 9.26
CA VAL B 205 -19.55 -4.14 9.72
C VAL B 205 -21.07 -4.14 9.84
N LYS B 206 -21.76 -4.77 8.89
CA LYS B 206 -23.20 -4.89 9.00
C LYS B 206 -23.59 -5.71 10.23
N GLU B 207 -22.95 -6.86 10.40
CA GLU B 207 -23.26 -7.74 11.54
C GLU B 207 -23.08 -7.00 12.86
N LEU B 208 -21.91 -6.37 13.06
CA LEU B 208 -21.66 -5.64 14.31
C LEU B 208 -22.68 -4.54 14.54
N ILE B 209 -23.25 -3.98 13.47
CA ILE B 209 -24.35 -3.04 13.62
C ILE B 209 -25.65 -3.78 13.95
N LYS B 210 -25.93 -4.88 13.23
CA LYS B 210 -27.07 -5.72 13.55
C LYS B 210 -27.11 -6.08 15.03
N TRP B 211 -25.94 -6.32 15.62
CA TRP B 211 -25.84 -6.67 17.02
C TRP B 211 -25.56 -5.46 17.90
N ARG B 212 -25.84 -4.26 17.40
CA ARG B 212 -25.84 -3.03 18.19
C ARG B 212 -24.50 -2.80 18.89
N ALA B 213 -23.46 -2.62 18.06
CA ALA B 213 -22.19 -2.16 18.58
C ALA B 213 -22.23 -0.64 18.75
N ALA B 214 -21.15 -0.06 19.25
CA ALA B 214 -21.12 1.37 19.52
C ALA B 214 -20.19 2.08 18.54
N ILE B 215 -20.46 3.37 18.34
CA ILE B 215 -19.54 4.25 17.63
C ILE B 215 -18.65 4.89 18.70
N VAL B 216 -17.47 4.31 18.89
CA VAL B 216 -16.57 4.69 19.96
C VAL B 216 -15.35 5.37 19.37
N VAL B 217 -14.83 6.36 20.09
CA VAL B 217 -13.59 7.03 19.69
C VAL B 217 -12.41 6.16 20.12
N ASN B 218 -11.51 5.87 19.17
CA ASN B 218 -10.31 5.10 19.49
C ASN B 218 -9.40 5.91 20.40
N GLY B 219 -8.39 5.22 20.94
CA GLY B 219 -7.38 5.91 21.72
C GLY B 219 -6.72 7.01 20.94
N HIS B 220 -6.49 6.80 19.64
CA HIS B 220 -5.94 7.84 18.79
C HIS B 220 -6.96 8.93 18.48
N GLY B 221 -8.25 8.62 18.54
CA GLY B 221 -9.28 9.61 18.28
C GLY B 221 -10.11 9.31 17.05
N MET B 222 -10.20 8.03 16.70
CA MET B 222 -10.81 7.60 15.45
C MET B 222 -12.04 6.77 15.74
N THR B 223 -13.20 7.24 15.28
CA THR B 223 -14.36 6.36 15.23
C THR B 223 -14.23 5.44 14.02
N PRO B 224 -14.91 4.30 14.03
CA PRO B 224 -14.82 3.40 12.86
C PRO B 224 -15.12 4.09 11.55
N LEU B 225 -15.98 5.11 11.57
CA LEU B 225 -16.13 5.99 10.41
C LEU B 225 -14.78 6.54 9.96
N LYS B 226 -14.08 7.23 10.87
CA LYS B 226 -12.84 7.90 10.51
C LYS B 226 -11.75 6.90 10.14
N VAL B 227 -11.82 5.68 10.66
CA VAL B 227 -10.86 4.66 10.25
C VAL B 227 -11.15 4.18 8.84
N ALA B 228 -12.41 3.88 8.57
CA ALA B 228 -12.82 3.50 7.21
C ALA B 228 -12.55 4.63 6.23
N ALA B 229 -12.87 5.86 6.63
CA ALA B 229 -12.56 7.00 5.79
C ALA B 229 -11.06 7.10 5.53
N GLU B 230 -10.26 7.08 6.58
CA GLU B 230 -8.82 7.23 6.42
C GLU B 230 -8.22 6.08 5.63
N SER B 231 -8.67 4.86 5.90
CA SER B 231 -8.20 3.68 5.19
C SER B 231 -8.79 3.57 3.79
N CYS B 232 -9.55 4.57 3.34
CA CYS B 232 -10.06 4.67 1.97
C CYS B 232 -11.02 3.54 1.61
N LYS B 233 -11.81 3.08 2.58
CA LYS B 233 -12.83 2.05 2.36
C LYS B 233 -14.17 2.76 2.21
N ALA B 234 -14.51 3.12 0.97
CA ALA B 234 -15.70 3.95 0.74
C ALA B 234 -16.98 3.16 0.93
N ASP B 235 -17.00 1.89 0.48
CA ASP B 235 -18.22 1.08 0.62
C ASP B 235 -18.64 0.97 2.09
N VAL B 236 -17.67 0.92 3.01
CA VAL B 236 -17.98 0.88 4.43
C VAL B 236 -18.47 2.24 4.92
N VAL B 237 -17.75 3.31 4.57
CA VAL B 237 -18.18 4.65 4.95
C VAL B 237 -19.60 4.92 4.47
N GLU B 238 -19.97 4.38 3.31
CA GLU B 238 -21.35 4.52 2.85
C GLU B 238 -22.32 3.84 3.80
N LEU B 239 -21.90 2.73 4.41
CA LEU B 239 -22.77 2.05 5.35
C LEU B 239 -22.89 2.82 6.66
N LEU B 240 -21.77 3.30 7.19
CA LEU B 240 -21.79 3.94 8.50
C LEU B 240 -22.51 5.28 8.48
N LEU B 241 -22.47 5.99 7.36
CA LEU B 241 -23.26 7.21 7.23
C LEU B 241 -24.73 6.91 7.01
N SER B 242 -25.05 5.69 6.56
CA SER B 242 -26.42 5.24 6.35
C SER B 242 -27.12 4.88 7.67
N HIS B 243 -26.53 5.24 8.81
CA HIS B 243 -27.06 4.86 10.11
C HIS B 243 -27.08 6.05 11.07
N ALA B 244 -27.33 5.77 12.34
CA ALA B 244 -27.35 6.79 13.39
C ALA B 244 -25.93 7.23 13.67
N ASP B 245 -25.57 8.43 13.20
CA ASP B 245 -24.26 9.02 13.44
C ASP B 245 -24.44 10.52 13.51
N CYS B 246 -23.37 11.21 13.90
CA CYS B 246 -23.47 12.63 14.23
C CYS B 246 -24.05 13.43 13.06
N ASP B 247 -24.95 14.35 13.39
CA ASP B 247 -25.70 15.12 12.40
C ASP B 247 -24.78 16.17 11.79
N ARG B 248 -24.24 15.87 10.61
CA ARG B 248 -23.54 16.82 9.76
C ARG B 248 -22.18 17.25 10.30
N ARG B 249 -21.83 16.84 11.52
CA ARG B 249 -20.53 17.24 12.06
C ARG B 249 -19.48 16.16 11.80
N SER B 250 -19.70 14.95 12.32
CA SER B 250 -18.82 13.83 11.98
C SER B 250 -19.06 13.31 10.58
N ARG B 251 -20.24 13.56 10.01
CA ARG B 251 -20.56 13.07 8.66
C ARG B 251 -19.76 13.79 7.59
N ILE B 252 -19.68 15.12 7.68
CA ILE B 252 -18.90 15.90 6.71
C ILE B 252 -17.42 15.63 6.87
N GLU B 253 -16.95 15.53 8.13
CA GLU B 253 -15.55 15.24 8.38
C GLU B 253 -15.12 13.92 7.74
N ALA B 254 -15.97 12.89 7.85
CA ALA B 254 -15.65 11.61 7.24
C ALA B 254 -15.51 11.72 5.73
N LEU B 255 -16.48 12.36 5.07
CA LEU B 255 -16.43 12.53 3.63
C LEU B 255 -15.13 13.21 3.21
N GLU B 256 -14.79 14.33 3.86
CA GLU B 256 -13.57 15.05 3.51
C GLU B 256 -12.33 14.21 3.73
N LEU B 257 -12.33 13.36 4.76
CA LEU B 257 -11.17 12.48 4.96
C LEU B 257 -11.19 11.31 3.99
N LEU B 258 -12.37 10.91 3.51
CA LEU B 258 -12.45 9.86 2.50
C LEU B 258 -11.99 10.36 1.15
N GLY B 259 -12.38 11.59 0.80
CA GLY B 259 -11.93 12.18 -0.46
C GLY B 259 -10.44 12.46 -0.46
N ALA B 260 -9.89 12.87 0.70
CA ALA B 260 -8.46 13.09 0.80
C ALA B 260 -7.68 11.80 0.63
N SER B 261 -8.18 10.69 1.17
CA SER B 261 -7.47 9.43 1.09
C SER B 261 -7.33 8.96 -0.36
N PHE B 262 -8.35 9.20 -1.18
CA PHE B 262 -8.27 8.82 -2.59
C PHE B 262 -7.17 9.57 -3.35
N ALA B 263 -6.56 10.59 -2.74
CA ALA B 263 -5.53 11.39 -3.41
C ALA B 263 -4.15 11.30 -2.79
N ASN B 264 -3.98 10.59 -1.67
CA ASN B 264 -2.67 10.43 -1.06
C ASN B 264 -2.04 9.08 -1.36
N ASP B 265 -2.72 7.99 -1.01
CA ASP B 265 -2.17 6.67 -1.26
C ASP B 265 -2.29 6.33 -2.74
N ARG B 266 -1.23 5.73 -3.29
CA ARG B 266 -1.29 5.22 -4.65
C ARG B 266 -2.17 3.98 -4.76
N GLU B 267 -2.55 3.38 -3.61
CA GLU B 267 -3.35 2.16 -3.63
C GLU B 267 -4.67 2.35 -4.37
N ASN B 268 -5.29 3.52 -4.21
CA ASN B 268 -6.42 3.91 -5.03
C ASN B 268 -6.06 4.99 -6.05
N TYR B 269 -5.42 6.07 -5.60
CA TYR B 269 -4.91 7.14 -6.47
C TYR B 269 -5.98 7.65 -7.44
N ASP B 270 -7.26 7.50 -7.04
CA ASP B 270 -8.41 7.80 -7.91
C ASP B 270 -8.86 9.22 -7.65
N ILE B 271 -8.35 10.16 -8.47
CA ILE B 271 -8.61 11.59 -8.23
C ILE B 271 -10.02 11.99 -8.64
N ILE B 272 -10.74 11.12 -9.36
CA ILE B 272 -12.17 11.34 -9.57
C ILE B 272 -12.91 11.16 -8.24
N LYS B 273 -12.66 10.05 -7.55
CA LYS B 273 -13.26 9.85 -6.25
C LYS B 273 -12.84 10.93 -5.26
N THR B 274 -11.68 11.54 -5.47
CA THR B 274 -11.28 12.65 -4.60
C THR B 274 -12.22 13.84 -4.78
N TYR B 275 -12.51 14.22 -6.03
CA TYR B 275 -13.42 15.33 -6.24
C TYR B 275 -14.84 14.96 -5.81
N HIS B 276 -15.22 13.70 -6.02
CA HIS B 276 -16.60 13.32 -5.74
C HIS B 276 -16.95 13.54 -4.26
N TYR B 277 -16.07 13.09 -3.36
CA TYR B 277 -16.39 13.17 -1.95
C TYR B 277 -16.05 14.53 -1.35
N LEU B 278 -14.95 15.15 -1.79
CA LEU B 278 -14.66 16.51 -1.33
C LEU B 278 -15.81 17.45 -1.67
N TYR B 279 -16.32 17.38 -2.90
CA TYR B 279 -17.35 18.31 -3.34
C TYR B 279 -18.68 18.03 -2.64
N LEU B 280 -19.09 16.75 -2.58
CA LEU B 280 -20.27 16.39 -1.82
C LEU B 280 -20.20 16.94 -0.40
N ALA B 281 -19.05 16.77 0.25
CA ALA B 281 -18.87 17.31 1.58
C ALA B 281 -19.11 18.81 1.60
N MET B 282 -18.54 19.53 0.63
CA MET B 282 -18.76 20.96 0.54
C MET B 282 -20.24 21.27 0.44
N LEU B 283 -20.95 20.55 -0.44
CA LEU B 283 -22.38 20.80 -0.62
C LEU B 283 -23.16 20.59 0.67
N GLU B 284 -22.73 19.63 1.50
CA GLU B 284 -23.43 19.38 2.76
C GLU B 284 -23.26 20.53 3.73
N ARG B 285 -22.11 21.21 3.70
CA ARG B 285 -21.92 22.39 4.53
C ARG B 285 -22.84 23.51 4.10
N PHE B 286 -23.07 23.67 2.79
CA PHE B 286 -23.88 24.76 2.25
C PHE B 286 -25.29 24.26 1.94
N GLN B 287 -26.07 24.12 3.02
CA GLN B 287 -27.47 23.71 2.96
C GLN B 287 -28.40 24.60 3.81
N ASP B 288 -27.89 25.27 4.84
CA ASP B 288 -28.66 26.03 5.83
C ASP B 288 -28.33 27.53 5.74
N GLY B 289 -28.85 28.29 6.71
CA GLY B 289 -28.62 29.73 6.76
C GLY B 289 -27.95 30.18 8.05
N ILE B 292 -25.25 27.09 8.43
CA ILE B 292 -24.08 27.00 7.58
C ILE B 292 -22.86 26.55 8.38
N LEU B 293 -22.30 25.40 8.01
CA LEU B 293 -21.17 24.79 8.72
C LEU B 293 -19.89 25.14 7.96
N GLU B 294 -19.30 26.28 8.31
CA GLU B 294 -18.20 26.82 7.53
C GLU B 294 -16.88 26.17 7.91
N LYS B 295 -15.89 26.32 7.02
CA LYS B 295 -14.57 25.72 7.20
C LYS B 295 -13.67 26.63 8.00
N GLU B 296 -13.10 26.09 9.08
CA GLU B 296 -12.05 26.77 9.84
C GLU B 296 -10.70 26.31 9.30
N VAL B 297 -10.33 26.89 8.15
CA VAL B 297 -9.13 26.45 7.43
C VAL B 297 -7.87 26.81 8.22
N LEU B 298 -6.75 26.15 7.88
CA LEU B 298 -5.35 26.25 8.29
C LEU B 298 -4.61 27.25 7.40
N PRO B 299 -3.75 28.08 7.99
CA PRO B 299 -3.04 29.08 7.20
C PRO B 299 -2.23 28.42 6.09
N PRO B 300 -2.00 29.12 4.99
CA PRO B 300 -1.24 28.52 3.87
C PRO B 300 0.11 28.00 4.32
N ILE B 301 0.35 26.73 4.04
CA ILE B 301 1.61 26.09 4.37
C ILE B 301 2.58 26.30 3.22
N HIS B 302 3.76 26.86 3.52
CA HIS B 302 4.74 27.17 2.48
C HIS B 302 5.17 25.94 1.69
N ALA B 303 4.93 24.73 2.21
CA ALA B 303 5.22 23.52 1.46
C ALA B 303 4.28 23.34 0.28
N TYR B 304 2.99 23.62 0.49
CA TYR B 304 1.97 23.47 -0.54
C TYR B 304 1.78 24.72 -1.39
N GLY B 305 2.78 25.58 -1.48
CA GLY B 305 2.57 26.90 -2.07
C GLY B 305 1.85 27.78 -1.06
N ASN B 306 0.84 28.51 -1.51
CA ASN B 306 -0.06 29.11 -0.53
C ASN B 306 -1.25 28.17 -0.33
N ARG B 307 -2.05 28.02 -1.40
CA ARG B 307 -3.08 26.98 -1.53
C ARG B 307 -3.89 26.71 -0.27
N THR B 308 -4.68 27.67 0.21
CA THR B 308 -5.62 27.39 1.28
C THR B 308 -6.73 26.44 0.80
N GLU B 309 -7.55 25.99 1.74
CA GLU B 309 -8.66 25.10 1.42
C GLU B 309 -9.78 25.88 0.74
N CYS B 310 -10.44 25.23 -0.21
CA CYS B 310 -11.60 25.82 -0.88
C CYS B 310 -12.77 25.86 0.11
N ARG B 311 -12.99 27.00 0.75
CA ARG B 311 -14.11 27.11 1.68
C ARG B 311 -15.42 27.49 1.01
N ASN B 312 -15.40 27.83 -0.29
CA ASN B 312 -16.61 28.03 -1.08
C ASN B 312 -16.78 26.89 -2.07
N PRO B 313 -18.02 26.51 -2.41
CA PRO B 313 -18.21 25.41 -3.37
C PRO B 313 -17.97 25.85 -4.79
N GLN B 314 -18.23 27.14 -5.05
CA GLN B 314 -17.81 27.73 -6.31
C GLN B 314 -16.31 27.57 -6.51
N GLU B 315 -15.55 27.65 -5.41
CA GLU B 315 -14.09 27.55 -5.48
C GLU B 315 -13.64 26.11 -5.77
N LEU B 316 -14.30 25.13 -5.15
CA LEU B 316 -13.93 23.74 -5.37
C LEU B 316 -14.36 23.25 -6.73
N GLU B 317 -15.53 23.70 -7.21
CA GLU B 317 -15.94 23.39 -8.58
C GLU B 317 -14.97 23.96 -9.61
N SER B 318 -14.18 24.97 -9.22
CA SER B 318 -13.24 25.59 -10.14
C SER B 318 -12.08 24.66 -10.50
N ILE B 319 -11.83 23.63 -9.70
CA ILE B 319 -10.69 22.74 -9.93
C ILE B 319 -11.14 21.30 -10.10
N ARG B 320 -12.34 21.09 -10.66
CA ARG B 320 -12.82 19.74 -10.91
C ARG B 320 -11.85 18.96 -11.80
N GLN B 321 -11.31 19.61 -12.80
CA GLN B 321 -10.17 19.13 -13.57
C GLN B 321 -8.91 19.78 -12.99
N ASP B 322 -7.79 19.68 -13.71
CA ASP B 322 -6.50 20.18 -13.21
C ASP B 322 -6.14 19.45 -11.92
N ARG B 323 -5.91 18.14 -12.09
CA ARG B 323 -5.57 17.23 -11.01
C ARG B 323 -4.47 17.78 -10.11
N ASP B 324 -3.63 18.66 -10.63
CA ASP B 324 -2.58 19.28 -9.84
C ASP B 324 -3.14 19.93 -8.58
N ALA B 325 -4.20 20.72 -8.74
CA ALA B 325 -4.74 21.45 -7.59
C ALA B 325 -5.49 20.53 -6.63
N LEU B 326 -5.97 19.37 -7.11
CA LEU B 326 -6.70 18.43 -6.27
C LEU B 326 -5.76 17.64 -5.36
N HIS B 327 -4.72 17.05 -5.94
CA HIS B 327 -3.67 16.41 -5.14
C HIS B 327 -3.21 17.33 -4.02
N MET B 328 -3.02 18.61 -4.33
CA MET B 328 -2.69 19.59 -3.30
C MET B 328 -3.82 19.68 -2.28
N GLU B 329 -5.07 19.74 -2.75
CA GLU B 329 -6.21 19.89 -1.85
C GLU B 329 -6.37 18.67 -0.96
N GLY B 330 -6.20 17.46 -1.52
CA GLY B 330 -6.29 16.25 -0.72
C GLY B 330 -5.25 16.16 0.38
N LEU B 331 -4.10 16.80 0.20
CA LEU B 331 -3.08 16.83 1.23
C LEU B 331 -3.43 17.83 2.33
N ILE B 332 -3.93 19.01 1.95
CA ILE B 332 -4.28 20.03 2.94
C ILE B 332 -5.49 19.57 3.75
N VAL B 333 -6.44 18.90 3.10
CA VAL B 333 -7.61 18.40 3.82
C VAL B 333 -7.19 17.42 4.90
N ARG B 334 -6.38 16.42 4.54
CA ARG B 334 -5.84 15.49 5.53
C ARG B 334 -5.06 16.21 6.61
N GLU B 335 -4.24 17.21 6.22
CA GLU B 335 -3.42 17.93 7.18
C GLU B 335 -4.27 18.62 8.25
N ARG B 336 -5.50 19.01 7.92
CA ARG B 336 -6.34 19.69 8.90
C ARG B 336 -7.05 18.71 9.82
N ILE B 337 -7.50 17.58 9.28
CA ILE B 337 -8.34 16.67 10.07
C ILE B 337 -7.49 15.80 10.99
N LEU B 338 -6.24 15.52 10.64
CA LEU B 338 -5.38 14.66 11.45
C LEU B 338 -4.15 15.39 11.99
N GLY B 339 -3.32 15.95 11.12
CA GLY B 339 -2.07 16.56 11.54
C GLY B 339 -2.20 17.98 12.06
N LEU B 353 -0.70 -2.64 16.32
CA LEU B 353 -2.07 -2.84 16.76
C LEU B 353 -2.21 -4.00 17.77
N GLY B 354 -1.35 -5.01 17.64
CA GLY B 354 -1.27 -6.08 18.63
C GLY B 354 -2.24 -7.25 18.45
N LEU B 355 -2.26 -7.86 17.27
CA LEU B 355 -3.11 -9.03 17.01
C LEU B 355 -2.28 -10.17 16.41
N ASP B 356 -1.62 -10.91 17.29
CA ASP B 356 -0.94 -12.14 16.93
C ASP B 356 -1.94 -13.29 17.06
N ARG B 357 -1.48 -14.53 16.87
CA ARG B 357 -2.34 -15.68 17.15
C ARG B 357 -2.71 -15.72 18.63
S SO4 C . 1.27 4.17 -35.18
O1 SO4 C . 2.00 3.98 -33.92
O2 SO4 C . -0.09 3.62 -35.04
O3 SO4 C . 1.17 5.60 -35.47
O4 SO4 C . 1.95 3.47 -36.28
S SO4 D . -6.36 6.34 -40.43
O1 SO4 D . -6.72 6.01 -39.05
O2 SO4 D . -6.99 5.35 -41.31
O3 SO4 D . -4.90 6.29 -40.62
O4 SO4 D . -6.83 7.70 -40.76
S SO4 E . -9.22 -32.90 10.11
O1 SO4 E . -10.25 -33.70 9.46
O2 SO4 E . -9.43 -32.90 11.57
O3 SO4 E . -7.89 -33.47 9.84
O4 SO4 E . -9.29 -31.53 9.61
S SO4 F . -3.37 -39.87 10.93
O1 SO4 F . -2.88 -39.56 12.27
O2 SO4 F . -4.84 -39.76 10.92
O3 SO4 F . -2.97 -41.23 10.56
O4 SO4 F . -2.81 -38.93 9.96
#